data_2FS9
#
_entry.id   2FS9
#
_cell.length_a   78.055
_cell.length_b   78.055
_cell.length_c   164.424
_cell.angle_alpha   90.0
_cell.angle_beta   90.0
_cell.angle_gamma   120.0
#
_symmetry.space_group_name_H-M   'P 31'
#
loop_
_entity.id
_entity.type
_entity.pdbx_description
1 polymer 'Tryptase beta-2'
2 non-polymer 'ETHYL {(1S)-5-AMINO-1-[(5-{4-[(2,3-DIHYDRO-1H-INDEN-2-YLAMINO)CARBONYL]BENZYL}-1,2,4-OXADIAZOL-3-YL)CARBONYL]PENTYL}CARBAMATE'
3 water water
#
_entity_poly.entity_id   1
_entity_poly.type   'polypeptide(L)'
_entity_poly.pdbx_seq_one_letter_code
;IVGGQEAPRSKWPWQVSLRVHGPYWMHFCGGSLIHPQWVLTAAHCVGPDVKDLAALRVQLREQHLYYQDQLLPVSRIIVH
PQFYTAQIGADIALLELEEPVKVSSHVHTVTLPPASETFPPGMPCWVTGWGDVDNDERLPPPFPLKQVKVPIMENHICDA
KYHLGAYTGDDVRIVRDDMLCAGNTRRDSCQGDSGGPLVCKVNGTWLQAGVVSWGEGCAQPNRPGIYTRVTYYLDWIHHY
VPKKP
;
_entity_poly.pdbx_strand_id   A,B,C,D
#
# COMPACT_ATOMS: atom_id res chain seq x y z
N ILE A 1 -12.93 -6.21 16.91
CA ILE A 1 -13.04 -6.27 18.39
C ILE A 1 -11.66 -6.36 19.06
N VAL A 2 -11.39 -5.46 19.99
CA VAL A 2 -10.12 -5.45 20.69
C VAL A 2 -10.20 -6.14 22.07
N GLY A 3 -9.22 -6.99 22.34
CA GLY A 3 -9.15 -7.70 23.62
C GLY A 3 -10.26 -8.71 23.87
N GLY A 4 -10.87 -9.20 22.80
CA GLY A 4 -11.95 -10.14 22.99
C GLY A 4 -11.59 -11.60 22.78
N GLN A 5 -12.61 -12.40 22.47
CA GLN A 5 -12.45 -13.82 22.26
C GLN A 5 -13.46 -14.23 21.18
N GLU A 6 -13.22 -15.36 20.54
CA GLU A 6 -14.16 -15.84 19.53
C GLU A 6 -15.42 -16.14 20.31
N ALA A 7 -16.58 -15.83 19.74
CA ALA A 7 -17.85 -16.08 20.43
C ALA A 7 -18.34 -17.51 20.20
N PRO A 8 -19.00 -18.10 21.22
CA PRO A 8 -19.53 -19.47 21.10
C PRO A 8 -20.58 -19.40 20.00
N ARG A 9 -20.81 -20.50 19.30
CA ARG A 9 -21.77 -20.48 18.21
C ARG A 9 -23.21 -20.14 18.62
N SER A 10 -23.55 -20.36 19.88
CA SER A 10 -24.90 -20.11 20.37
C SER A 10 -25.15 -18.70 20.88
N LYS A 11 -24.12 -17.86 20.82
CA LYS A 11 -24.24 -16.49 21.30
C LYS A 11 -24.35 -15.46 20.21
N TRP A 12 -25.11 -14.41 20.49
CA TRP A 12 -25.33 -13.29 19.58
C TRP A 12 -26.06 -13.70 18.30
N PRO A 13 -27.27 -14.27 18.43
CA PRO A 13 -28.08 -14.72 17.28
C PRO A 13 -28.55 -13.60 16.36
N TRP A 14 -28.42 -12.35 16.81
CA TRP A 14 -28.86 -11.19 16.04
C TRP A 14 -27.76 -10.45 15.27
N GLN A 15 -26.51 -10.84 15.50
CA GLN A 15 -25.38 -10.20 14.83
C GLN A 15 -25.46 -10.44 13.35
N VAL A 16 -25.32 -9.39 12.56
CA VAL A 16 -25.36 -9.53 11.11
C VAL A 16 -24.10 -8.87 10.55
N SER A 17 -23.90 -9.05 9.26
CA SER A 17 -22.73 -8.50 8.57
C SER A 17 -23.23 -7.84 7.29
N LEU A 18 -22.78 -6.62 7.03
CA LEU A 18 -23.19 -5.91 5.81
C LEU A 18 -22.14 -6.09 4.73
N ARG A 19 -22.57 -6.46 3.52
CA ARG A 19 -21.64 -6.66 2.42
C ARG A 19 -21.84 -5.68 1.28
N VAL A 20 -20.74 -5.28 0.64
CA VAL A 20 -20.77 -4.36 -0.49
C VAL A 20 -20.17 -5.04 -1.71
N HIS A 21 -20.79 -4.83 -2.86
CA HIS A 21 -20.32 -5.47 -4.10
C HIS A 21 -18.97 -5.00 -4.63
N GLY A 22 -18.15 -5.97 -5.02
CA GLY A 22 -16.82 -5.72 -5.55
C GLY A 22 -16.26 -7.03 -6.05
N PRO A 23 -14.94 -7.29 -5.89
CA PRO A 23 -14.33 -8.54 -6.33
C PRO A 23 -15.04 -9.72 -5.64
N TYR A 24 -15.67 -9.42 -4.51
CA TYR A 24 -16.44 -10.40 -3.75
C TYR A 24 -17.29 -9.58 -2.76
N TRP A 25 -18.28 -10.21 -2.13
CA TRP A 25 -19.12 -9.45 -1.20
C TRP A 25 -18.42 -9.25 0.13
N MET A 26 -17.67 -8.16 0.18
CA MET A 26 -16.87 -7.81 1.36
C MET A 26 -17.62 -7.13 2.49
N HIS A 27 -17.29 -7.56 3.71
CA HIS A 27 -17.87 -7.00 4.94
C HIS A 27 -17.34 -5.57 5.08
N PHE A 28 -18.20 -4.65 5.49
CA PHE A 28 -17.75 -3.27 5.71
C PHE A 28 -18.33 -2.72 7.01
N CYS A 29 -19.33 -3.41 7.55
CA CYS A 29 -19.97 -3.00 8.79
C CYS A 29 -20.82 -4.13 9.35
N GLY A 30 -21.15 -4.01 10.63
CA GLY A 30 -21.99 -4.98 11.29
C GLY A 30 -23.36 -4.35 11.41
N GLY A 31 -24.27 -5.06 12.10
CA GLY A 31 -25.62 -4.59 12.32
C GLY A 31 -26.32 -5.59 13.23
N SER A 32 -27.59 -5.36 13.53
CA SER A 32 -28.35 -6.27 14.39
C SER A 32 -29.76 -6.48 13.85
N LEU A 33 -30.26 -7.70 13.96
CA LEU A 33 -31.60 -8.00 13.49
C LEU A 33 -32.51 -7.59 14.65
N ILE A 34 -33.40 -6.63 14.41
CA ILE A 34 -34.30 -6.17 15.46
C ILE A 34 -35.75 -6.52 15.13
N HIS A 35 -35.94 -7.13 13.96
CA HIS A 35 -37.24 -7.53 13.47
C HIS A 35 -36.97 -8.41 12.26
N PRO A 36 -37.77 -9.47 12.08
CA PRO A 36 -37.61 -10.39 10.95
C PRO A 36 -37.27 -9.72 9.62
N GLN A 37 -37.75 -8.50 9.41
CA GLN A 37 -37.46 -7.80 8.16
C GLN A 37 -36.63 -6.54 8.34
N TRP A 38 -36.11 -6.32 9.53
CA TRP A 38 -35.34 -5.11 9.76
C TRP A 38 -34.01 -5.29 10.47
N VAL A 39 -32.99 -4.63 9.93
CA VAL A 39 -31.66 -4.65 10.52
C VAL A 39 -31.29 -3.23 10.95
N LEU A 40 -30.83 -3.10 12.19
CA LEU A 40 -30.42 -1.82 12.74
C LEU A 40 -28.90 -1.67 12.56
N THR A 41 -28.46 -0.56 12.00
CA THR A 41 -27.04 -0.32 11.78
C THR A 41 -26.67 1.18 11.92
N ALA A 42 -25.42 1.51 11.65
CA ALA A 42 -24.98 2.89 11.75
C ALA A 42 -25.09 3.66 10.44
N ALA A 43 -25.63 4.86 10.52
CA ALA A 43 -25.80 5.71 9.36
C ALA A 43 -24.52 5.96 8.56
N HIS A 44 -23.38 6.14 9.22
CA HIS A 44 -22.16 6.40 8.46
C HIS A 44 -21.73 5.18 7.66
N CYS A 45 -22.29 4.02 7.99
CA CYS A 45 -21.99 2.79 7.25
C CYS A 45 -22.63 2.85 5.85
N VAL A 46 -23.75 3.55 5.73
CA VAL A 46 -24.46 3.66 4.44
C VAL A 46 -24.81 5.08 4.00
N GLY A 47 -24.30 6.08 4.72
CA GLY A 47 -24.59 7.45 4.36
C GLY A 47 -23.40 8.36 4.65
N PRO A 48 -23.57 9.68 4.57
CA PRO A 48 -24.77 10.44 4.23
C PRO A 48 -25.22 10.43 2.76
N ASP A 49 -24.33 10.08 1.85
CA ASP A 49 -24.74 10.10 0.45
C ASP A 49 -25.55 8.86 0.08
N VAL A 50 -26.55 9.02 -0.79
CA VAL A 50 -27.37 7.90 -1.21
C VAL A 50 -26.54 6.77 -1.87
N LYS A 51 -26.91 5.54 -1.59
CA LYS A 51 -26.20 4.39 -2.11
C LYS A 51 -27.11 3.48 -2.94
N ASP A 52 -26.52 2.80 -3.93
CA ASP A 52 -27.25 1.86 -4.79
C ASP A 52 -27.56 0.58 -4.02
N LEU A 53 -28.83 0.29 -3.85
CA LEU A 53 -29.26 -0.90 -3.13
C LEU A 53 -28.74 -2.20 -3.73
N ALA A 54 -28.66 -2.25 -5.06
CA ALA A 54 -28.19 -3.45 -5.76
C ALA A 54 -26.78 -3.87 -5.34
N ALA A 55 -26.01 -2.92 -4.83
CA ALA A 55 -24.65 -3.19 -4.42
C ALA A 55 -24.57 -3.50 -2.93
N LEU A 56 -25.70 -3.74 -2.28
CA LEU A 56 -25.69 -4.02 -0.85
C LEU A 56 -26.36 -5.35 -0.48
N ARG A 57 -25.80 -6.05 0.49
CA ARG A 57 -26.37 -7.30 0.94
C ARG A 57 -26.17 -7.44 2.43
N VAL A 58 -26.99 -8.31 3.03
CA VAL A 58 -26.94 -8.58 4.45
C VAL A 58 -26.65 -10.07 4.63
N GLN A 59 -25.87 -10.38 5.64
CA GLN A 59 -25.52 -11.76 5.95
C GLN A 59 -25.86 -11.98 7.41
N LEU A 60 -26.73 -12.94 7.69
CA LEU A 60 -27.11 -13.22 9.08
C LEU A 60 -25.97 -13.88 9.83
N ARG A 61 -26.17 -14.14 11.12
CA ARG A 61 -25.11 -14.71 11.94
C ARG A 61 -24.25 -15.78 11.29
N GLU A 62 -22.95 -15.50 11.25
CA GLU A 62 -21.99 -16.42 10.68
C GLU A 62 -20.91 -16.62 11.74
N GLN A 63 -20.43 -17.84 11.90
CA GLN A 63 -19.37 -18.09 12.87
C GLN A 63 -18.07 -17.56 12.29
N HIS A 64 -17.90 -17.77 10.98
CA HIS A 64 -16.71 -17.29 10.26
C HIS A 64 -17.16 -16.56 9.00
N LEU A 65 -16.77 -15.30 8.88
CA LEU A 65 -17.16 -14.52 7.71
C LEU A 65 -16.76 -15.23 6.41
N TYR A 66 -17.61 -15.08 5.40
CA TYR A 66 -17.36 -15.63 4.08
C TYR A 66 -17.46 -17.15 3.98
N TYR A 67 -17.50 -17.83 5.12
CA TYR A 67 -17.57 -19.28 5.08
C TYR A 67 -18.90 -19.86 4.56
N GLN A 68 -19.99 -19.64 5.28
CA GLN A 68 -21.28 -20.19 4.86
C GLN A 68 -22.22 -19.11 4.38
N ASP A 69 -21.74 -18.28 3.45
CA ASP A 69 -22.55 -17.18 2.95
C ASP A 69 -23.89 -17.54 2.31
N GLN A 70 -24.90 -16.76 2.68
CA GLN A 70 -26.27 -16.86 2.17
C GLN A 70 -26.79 -15.41 2.21
N LEU A 71 -26.24 -14.60 1.31
CA LEU A 71 -26.55 -13.20 1.22
C LEU A 71 -28.01 -12.87 0.93
N LEU A 72 -28.52 -11.88 1.67
CA LEU A 72 -29.91 -11.43 1.55
C LEU A 72 -29.99 -10.02 1.00
N PRO A 73 -30.78 -9.83 -0.06
CA PRO A 73 -30.91 -8.49 -0.65
C PRO A 73 -31.64 -7.55 0.31
N VAL A 74 -31.50 -6.25 0.07
CA VAL A 74 -32.12 -5.22 0.90
C VAL A 74 -33.12 -4.45 0.04
N SER A 75 -34.29 -4.18 0.61
CA SER A 75 -35.33 -3.47 -0.13
C SER A 75 -35.34 -1.96 0.14
N ARG A 76 -34.68 -1.52 1.21
CA ARG A 76 -34.65 -0.10 1.50
C ARG A 76 -33.66 0.29 2.60
N ILE A 77 -33.01 1.43 2.39
CA ILE A 77 -32.05 1.98 3.35
C ILE A 77 -32.66 3.24 3.94
N ILE A 78 -32.84 3.27 5.26
CA ILE A 78 -33.41 4.44 5.91
C ILE A 78 -32.38 5.04 6.87
N VAL A 79 -31.80 6.15 6.46
CA VAL A 79 -30.80 6.83 7.26
C VAL A 79 -31.47 7.99 7.99
N HIS A 80 -31.19 8.11 9.28
CA HIS A 80 -31.77 9.21 10.03
C HIS A 80 -31.45 10.51 9.30
N PRO A 81 -32.47 11.34 9.04
CA PRO A 81 -32.31 12.62 8.35
C PRO A 81 -31.41 13.65 9.02
N GLN A 82 -31.19 13.51 10.33
CA GLN A 82 -30.35 14.46 11.04
C GLN A 82 -28.88 14.09 10.95
N PHE A 83 -28.59 12.92 10.38
CA PHE A 83 -27.21 12.46 10.26
C PHE A 83 -26.37 13.09 9.14
N TYR A 84 -25.14 13.45 9.50
CA TYR A 84 -24.20 13.93 8.50
C TYR A 84 -22.82 13.30 8.80
N THR A 85 -22.40 13.29 10.06
CA THR A 85 -21.14 12.65 10.47
C THR A 85 -21.34 12.04 11.86
N ALA A 86 -20.56 11.01 12.17
CA ALA A 86 -20.69 10.35 13.48
C ALA A 86 -20.40 11.26 14.67
N GLN A 87 -19.50 12.23 14.50
CA GLN A 87 -19.16 13.14 15.60
C GLN A 87 -20.27 14.12 15.91
N ILE A 88 -21.10 14.43 14.91
CA ILE A 88 -22.22 15.35 15.08
C ILE A 88 -23.37 14.63 15.77
N GLY A 89 -23.64 13.40 15.36
CA GLY A 89 -24.70 12.62 15.99
C GLY A 89 -25.69 11.94 15.05
N ALA A 90 -26.74 11.36 15.62
CA ALA A 90 -27.75 10.68 14.82
C ALA A 90 -27.15 9.61 13.90
N ASP A 91 -26.13 8.91 14.39
CA ASP A 91 -25.49 7.87 13.59
C ASP A 91 -26.27 6.57 13.79
N ILE A 92 -27.37 6.46 13.06
CA ILE A 92 -28.22 5.31 13.17
C ILE A 92 -29.02 5.22 11.89
N ALA A 93 -29.33 4.00 11.47
CA ALA A 93 -30.07 3.77 10.23
C ALA A 93 -30.77 2.41 10.27
N LEU A 94 -31.68 2.22 9.32
CA LEU A 94 -32.43 0.98 9.23
C LEU A 94 -32.32 0.35 7.85
N LEU A 95 -32.22 -0.97 7.85
CA LEU A 95 -32.14 -1.74 6.62
C LEU A 95 -33.37 -2.65 6.55
N GLU A 96 -34.18 -2.49 5.50
CA GLU A 96 -35.37 -3.33 5.36
C GLU A 96 -35.05 -4.42 4.35
N LEU A 97 -35.22 -5.67 4.78
CA LEU A 97 -34.92 -6.82 3.93
C LEU A 97 -36.08 -7.07 2.97
N GLU A 98 -35.80 -7.62 1.79
CA GLU A 98 -36.87 -7.88 0.82
C GLU A 98 -37.79 -8.98 1.29
N GLU A 99 -37.26 -9.86 2.14
CA GLU A 99 -38.05 -10.97 2.64
C GLU A 99 -37.88 -11.07 4.14
N PRO A 100 -38.93 -11.50 4.84
CA PRO A 100 -38.82 -11.62 6.29
C PRO A 100 -37.94 -12.82 6.60
N VAL A 101 -37.17 -12.74 7.68
CA VAL A 101 -36.29 -13.84 8.05
C VAL A 101 -37.02 -14.84 8.92
N LYS A 102 -36.65 -16.11 8.77
CA LYS A 102 -37.25 -17.19 9.56
C LYS A 102 -36.39 -17.42 10.80
N VAL A 103 -36.79 -16.83 11.91
CA VAL A 103 -36.00 -16.98 13.13
C VAL A 103 -35.89 -18.41 13.64
N SER A 104 -34.99 -18.58 14.59
CA SER A 104 -34.71 -19.85 15.23
C SER A 104 -33.84 -19.55 16.46
N SER A 105 -33.44 -20.57 17.20
CA SER A 105 -32.62 -20.34 18.38
C SER A 105 -31.21 -19.91 17.96
N HIS A 106 -30.84 -20.21 16.73
CA HIS A 106 -29.51 -19.84 16.24
C HIS A 106 -29.50 -18.49 15.51
N VAL A 107 -30.65 -18.07 15.01
CA VAL A 107 -30.76 -16.80 14.31
C VAL A 107 -32.08 -16.11 14.62
N HIS A 108 -32.05 -15.15 15.53
CA HIS A 108 -33.25 -14.41 15.90
C HIS A 108 -32.95 -13.00 16.40
N THR A 109 -34.00 -12.18 16.47
CA THR A 109 -33.89 -10.77 16.85
C THR A 109 -33.39 -10.47 18.26
N VAL A 110 -32.82 -9.28 18.38
CA VAL A 110 -32.36 -8.79 19.67
C VAL A 110 -33.50 -7.90 20.14
N THR A 111 -33.58 -7.67 21.44
CA THR A 111 -34.65 -6.84 21.98
C THR A 111 -34.22 -5.41 22.23
N LEU A 112 -35.07 -4.45 21.83
CA LEU A 112 -34.75 -3.05 22.02
C LEU A 112 -35.10 -2.65 23.45
N PRO A 113 -34.38 -1.68 24.01
CA PRO A 113 -34.71 -1.30 25.39
C PRO A 113 -35.93 -0.40 25.46
N PRO A 114 -36.56 -0.35 26.63
CA PRO A 114 -37.74 0.51 26.80
C PRO A 114 -37.21 1.95 26.93
N ALA A 115 -38.03 2.93 26.56
CA ALA A 115 -37.64 4.33 26.59
C ALA A 115 -37.08 4.88 27.90
N SER A 116 -37.27 4.15 28.99
CA SER A 116 -36.76 4.62 30.28
C SER A 116 -35.45 3.97 30.69
N GLU A 117 -35.15 2.78 30.15
CA GLU A 117 -33.92 2.08 30.49
C GLU A 117 -32.76 3.08 30.45
N THR A 118 -31.84 2.99 31.40
CA THR A 118 -30.72 3.93 31.44
C THR A 118 -29.32 3.31 31.31
N PHE A 119 -29.18 2.04 31.70
CA PHE A 119 -27.89 1.34 31.60
C PHE A 119 -26.84 2.08 32.45
N PRO A 120 -26.84 1.82 33.75
CA PRO A 120 -25.94 2.41 34.73
C PRO A 120 -24.47 2.16 34.44
N PRO A 121 -23.62 3.14 34.71
CA PRO A 121 -22.18 2.98 34.46
C PRO A 121 -21.58 1.85 35.29
N GLY A 122 -21.10 0.83 34.60
CA GLY A 122 -20.50 -0.33 35.24
C GLY A 122 -21.29 -1.57 34.85
N MET A 123 -22.40 -1.37 34.15
CA MET A 123 -23.23 -2.50 33.74
C MET A 123 -22.57 -3.36 32.68
N PRO A 124 -22.17 -4.57 33.05
CA PRO A 124 -21.54 -5.46 32.08
C PRO A 124 -22.32 -5.58 30.77
N CYS A 125 -21.76 -5.03 29.71
CA CYS A 125 -22.37 -5.11 28.39
C CYS A 125 -21.35 -5.72 27.46
N TRP A 126 -21.83 -6.27 26.36
CA TRP A 126 -20.94 -6.89 25.40
C TRP A 126 -21.12 -6.28 24.03
N VAL A 127 -20.01 -6.18 23.31
CA VAL A 127 -20.02 -5.66 21.96
C VAL A 127 -19.43 -6.76 21.07
N THR A 128 -20.04 -7.01 19.92
CA THR A 128 -19.59 -8.05 19.03
C THR A 128 -19.36 -7.60 17.57
N GLY A 129 -18.50 -8.31 16.86
CA GLY A 129 -18.24 -7.96 15.47
C GLY A 129 -17.01 -8.60 14.87
N TRP A 130 -16.77 -8.33 13.59
CA TRP A 130 -15.63 -8.88 12.87
C TRP A 130 -14.59 -7.81 12.58
N GLY A 131 -14.68 -6.70 13.30
CA GLY A 131 -13.74 -5.62 13.08
C GLY A 131 -12.32 -5.96 13.51
N ASP A 132 -11.42 -5.01 13.32
CA ASP A 132 -10.03 -5.18 13.68
C ASP A 132 -9.79 -5.61 15.12
N VAL A 133 -8.67 -6.31 15.33
CA VAL A 133 -8.31 -6.79 16.65
C VAL A 133 -7.48 -5.74 17.38
N ASP A 134 -7.15 -4.66 16.68
CA ASP A 134 -6.41 -3.55 17.26
C ASP A 134 -6.23 -2.48 16.20
N ASN A 135 -5.78 -1.30 16.60
CA ASN A 135 -5.58 -0.19 15.66
C ASN A 135 -4.81 -0.63 14.44
N ASP A 136 -5.45 -0.56 13.27
CA ASP A 136 -4.81 -0.92 12.02
C ASP A 136 -4.38 -2.38 11.95
N GLU A 137 -5.04 -3.25 12.69
CA GLU A 137 -4.72 -4.67 12.70
C GLU A 137 -6.00 -5.43 12.36
N ARG A 138 -6.10 -5.92 11.12
CA ARG A 138 -7.29 -6.63 10.68
C ARG A 138 -7.51 -7.97 11.37
N LEU A 139 -8.75 -8.43 11.34
CA LEU A 139 -9.09 -9.70 11.93
C LEU A 139 -8.54 -10.72 10.94
N PRO A 140 -7.63 -11.60 11.38
CA PRO A 140 -7.08 -12.59 10.45
C PRO A 140 -8.04 -13.73 10.16
N PRO A 141 -7.97 -14.30 8.95
CA PRO A 141 -8.87 -15.42 8.63
C PRO A 141 -8.65 -16.53 9.65
N PRO A 142 -9.63 -17.45 9.81
CA PRO A 142 -10.92 -17.54 9.12
C PRO A 142 -12.00 -16.52 9.49
N PHE A 143 -11.61 -15.41 10.11
CA PHE A 143 -12.56 -14.36 10.46
C PHE A 143 -13.69 -14.79 11.42
N PRO A 144 -13.33 -15.15 12.66
CA PRO A 144 -14.34 -15.58 13.64
C PRO A 144 -15.05 -14.38 14.27
N LEU A 145 -16.36 -14.48 14.46
CA LEU A 145 -17.08 -13.40 15.10
C LEU A 145 -16.48 -13.24 16.50
N LYS A 146 -16.08 -12.03 16.88
CA LYS A 146 -15.51 -11.84 18.20
C LYS A 146 -16.48 -11.14 19.14
N GLN A 147 -16.13 -11.16 20.42
CA GLN A 147 -16.96 -10.57 21.46
C GLN A 147 -16.06 -10.08 22.58
N VAL A 148 -16.54 -9.09 23.31
CA VAL A 148 -15.78 -8.57 24.44
C VAL A 148 -16.70 -7.87 25.43
N LYS A 149 -16.41 -8.07 26.71
CA LYS A 149 -17.20 -7.45 27.76
C LYS A 149 -16.59 -6.07 27.96
N VAL A 150 -17.39 -5.03 27.76
CA VAL A 150 -16.92 -3.66 27.95
C VAL A 150 -17.75 -2.95 28.99
N PRO A 151 -17.08 -2.21 29.89
CA PRO A 151 -17.80 -1.49 30.95
C PRO A 151 -18.39 -0.18 30.43
N ILE A 152 -19.68 0.01 30.64
CA ILE A 152 -20.34 1.27 30.25
C ILE A 152 -19.83 2.37 31.17
N MET A 153 -19.66 3.57 30.63
CA MET A 153 -19.22 4.67 31.46
C MET A 153 -20.15 5.86 31.27
N GLU A 154 -20.34 6.65 32.33
CA GLU A 154 -21.22 7.81 32.30
C GLU A 154 -20.88 8.77 31.17
N ASN A 155 -21.92 9.30 30.54
CA ASN A 155 -21.76 10.23 29.43
C ASN A 155 -20.80 11.37 29.73
N HIS A 156 -21.02 12.06 30.85
CA HIS A 156 -20.14 13.17 31.20
C HIS A 156 -18.68 12.70 31.34
N ILE A 157 -18.46 11.56 31.99
CA ILE A 157 -17.12 11.04 32.16
C ILE A 157 -16.40 10.81 30.82
N CYS A 158 -17.09 10.26 29.83
CA CYS A 158 -16.44 10.04 28.54
C CYS A 158 -16.15 11.33 27.83
N ASP A 159 -17.09 12.26 27.92
CA ASP A 159 -16.93 13.56 27.30
C ASP A 159 -15.70 14.20 27.91
N ALA A 160 -15.53 14.02 29.22
CA ALA A 160 -14.40 14.57 29.95
C ALA A 160 -13.09 13.96 29.47
N LYS A 161 -13.04 12.64 29.38
CA LYS A 161 -11.83 11.98 28.93
C LYS A 161 -11.39 12.47 27.56
N TYR A 162 -12.33 12.58 26.62
CA TYR A 162 -11.98 13.04 25.30
C TYR A 162 -11.36 14.43 25.29
N HIS A 163 -11.58 15.19 26.37
CA HIS A 163 -10.99 16.52 26.47
C HIS A 163 -9.55 16.46 26.97
N LEU A 164 -9.23 15.40 27.70
CA LEU A 164 -7.88 15.23 28.21
C LEU A 164 -6.91 15.03 27.05
N GLY A 165 -5.94 15.93 26.96
CA GLY A 165 -4.97 15.86 25.88
C GLY A 165 -5.57 16.41 24.61
N ALA A 166 -6.47 17.38 24.74
CA ALA A 166 -7.11 18.00 23.59
C ALA A 166 -7.21 19.50 23.79
N TYR A 167 -7.31 20.23 22.68
CA TYR A 167 -7.42 21.67 22.70
C TYR A 167 -8.87 22.10 22.83
N THR A 168 -9.79 21.17 22.56
CA THR A 168 -11.21 21.46 22.65
C THR A 168 -11.59 21.97 24.03
N GLY A 169 -12.34 23.07 24.08
CA GLY A 169 -12.74 23.63 25.36
C GLY A 169 -13.54 22.64 26.21
N ASP A 170 -13.33 22.65 27.52
CA ASP A 170 -14.01 21.76 28.44
C ASP A 170 -15.54 21.85 28.35
N ASP A 171 -16.09 23.06 28.06
CA ASP A 171 -17.55 23.27 27.91
C ASP A 171 -18.08 22.89 26.54
N VAL A 172 -17.20 22.49 25.61
CA VAL A 172 -17.66 22.15 24.27
C VAL A 172 -17.89 20.65 24.26
N ARG A 173 -19.12 20.22 24.01
CA ARG A 173 -19.38 18.79 24.04
C ARG A 173 -18.81 18.01 22.87
N ILE A 174 -18.14 16.91 23.19
CA ILE A 174 -17.53 16.02 22.21
C ILE A 174 -18.39 14.76 22.17
N VAL A 175 -18.66 14.19 23.35
CA VAL A 175 -19.51 13.02 23.44
C VAL A 175 -20.85 13.65 23.75
N ARG A 176 -21.79 13.54 22.82
CA ARG A 176 -23.10 14.18 22.98
C ARG A 176 -24.16 13.31 23.61
N ASP A 177 -25.30 13.95 23.94
CA ASP A 177 -26.39 13.26 24.61
C ASP A 177 -27.06 12.10 23.88
N ASP A 178 -26.93 12.03 22.56
CA ASP A 178 -27.56 10.94 21.82
C ASP A 178 -26.54 9.82 21.63
N MET A 179 -25.46 9.89 22.40
CA MET A 179 -24.38 8.90 22.33
C MET A 179 -24.19 8.25 23.69
N LEU A 180 -23.57 7.09 23.68
CA LEU A 180 -23.28 6.33 24.89
C LEU A 180 -21.84 5.87 24.67
N CYS A 181 -21.12 5.51 25.73
CA CYS A 181 -19.73 5.08 25.56
C CYS A 181 -19.38 3.92 26.50
N ALA A 182 -18.37 3.14 26.12
CA ALA A 182 -17.94 2.00 26.90
C ALA A 182 -16.59 1.47 26.43
N GLY A 183 -15.90 0.77 27.33
CA GLY A 183 -14.61 0.20 26.98
C GLY A 183 -13.45 0.86 27.71
N ASN A 184 -12.26 0.33 27.48
CA ASN A 184 -11.06 0.85 28.10
C ASN A 184 -9.86 0.56 27.19
N THR A 185 -8.66 0.68 27.74
CA THR A 185 -7.44 0.44 26.96
C THR A 185 -7.23 -1.04 26.64
N ARG A 186 -8.07 -1.90 27.17
CA ARG A 186 -7.95 -3.33 26.91
C ARG A 186 -9.14 -3.92 26.17
N ARG A 187 -10.28 -3.24 26.25
CA ARG A 187 -11.47 -3.73 25.60
C ARG A 187 -12.17 -2.64 24.80
N ASP A 188 -12.47 -2.92 23.54
CA ASP A 188 -13.13 -1.94 22.70
C ASP A 188 -13.58 -2.53 21.36
N SER A 189 -14.33 -1.73 20.62
CA SER A 189 -14.80 -2.13 19.30
C SER A 189 -13.84 -1.39 18.38
N CYS A 190 -13.80 -1.73 17.10
CA CYS A 190 -12.83 -1.09 16.22
C CYS A 190 -13.31 -1.10 14.78
N GLN A 191 -12.55 -0.49 13.87
CA GLN A 191 -12.92 -0.43 12.44
C GLN A 191 -13.40 -1.77 11.92
N GLY A 192 -14.66 -1.82 11.49
CA GLY A 192 -15.25 -3.06 11.01
C GLY A 192 -16.37 -3.55 11.92
N ASP A 193 -16.41 -3.02 13.15
CA ASP A 193 -17.45 -3.37 14.12
C ASP A 193 -18.60 -2.38 14.03
N SER A 194 -18.36 -1.28 13.30
CA SER A 194 -19.35 -0.23 13.13
C SER A 194 -20.71 -0.74 12.72
N GLY A 195 -21.74 -0.09 13.25
CA GLY A 195 -23.10 -0.50 12.94
C GLY A 195 -23.52 -1.69 13.78
N GLY A 196 -22.53 -2.37 14.36
CA GLY A 196 -22.79 -3.54 15.20
C GLY A 196 -23.45 -3.20 16.54
N PRO A 197 -23.89 -4.20 17.30
CA PRO A 197 -24.55 -3.99 18.60
C PRO A 197 -23.72 -3.99 19.87
N LEU A 198 -24.27 -3.30 20.87
CA LEU A 198 -23.69 -3.21 22.21
C LEU A 198 -24.89 -3.68 23.04
N VAL A 199 -24.83 -4.92 23.53
CA VAL A 199 -25.95 -5.45 24.29
C VAL A 199 -25.64 -5.62 25.78
N CYS A 200 -26.67 -5.46 26.61
CA CYS A 200 -26.52 -5.62 28.04
C CYS A 200 -27.69 -6.48 28.51
N LYS A 201 -27.42 -7.43 29.40
CA LYS A 201 -28.49 -8.29 29.89
C LYS A 201 -29.14 -7.66 31.11
N VAL A 202 -30.38 -7.22 30.93
CA VAL A 202 -31.14 -6.57 31.99
C VAL A 202 -32.24 -7.51 32.44
N ASN A 203 -32.15 -7.95 33.69
CA ASN A 203 -33.15 -8.86 34.23
C ASN A 203 -33.34 -10.01 33.24
N GLY A 204 -32.30 -10.82 33.07
CA GLY A 204 -32.38 -11.96 32.17
C GLY A 204 -32.87 -11.70 30.77
N THR A 205 -32.72 -10.48 30.26
CA THR A 205 -33.13 -10.16 28.90
C THR A 205 -32.11 -9.27 28.22
N TRP A 206 -31.62 -9.68 27.05
CA TRP A 206 -30.63 -8.89 26.31
C TRP A 206 -31.28 -7.69 25.60
N LEU A 207 -30.80 -6.50 25.91
CA LEU A 207 -31.31 -5.28 25.29
C LEU A 207 -30.16 -4.60 24.53
N GLN A 208 -30.43 -4.11 23.33
CA GLN A 208 -29.38 -3.43 22.61
C GLN A 208 -29.31 -1.97 23.07
N ALA A 209 -28.33 -1.67 23.89
CA ALA A 209 -28.13 -0.34 24.43
C ALA A 209 -27.43 0.59 23.43
N GLY A 210 -26.59 0.03 22.57
CA GLY A 210 -25.91 0.87 21.61
C GLY A 210 -25.58 0.30 20.24
N VAL A 211 -25.12 1.20 19.38
CA VAL A 211 -24.71 0.84 18.02
C VAL A 211 -23.31 1.40 17.86
N VAL A 212 -22.34 0.53 17.55
CA VAL A 212 -20.95 0.97 17.34
C VAL A 212 -20.93 2.16 16.37
N SER A 213 -20.44 3.29 16.85
CA SER A 213 -20.40 4.49 16.02
C SER A 213 -19.01 5.00 15.67
N TRP A 214 -18.27 5.48 16.67
CA TRP A 214 -16.94 6.02 16.41
C TRP A 214 -16.09 6.11 17.67
N GLY A 215 -14.86 6.58 17.50
CA GLY A 215 -13.95 6.73 18.61
C GLY A 215 -12.59 7.17 18.08
N GLU A 216 -11.74 7.69 18.95
CA GLU A 216 -10.39 8.09 18.51
C GLU A 216 -9.52 6.84 18.59
N GLY A 217 -9.43 6.11 17.49
CA GLY A 217 -8.64 4.90 17.48
C GLY A 217 -9.42 3.85 18.24
N CYS A 218 -8.74 2.81 18.69
CA CYS A 218 -9.40 1.74 19.42
C CYS A 218 -8.61 1.41 20.68
N ALA A 219 -9.31 1.32 21.80
CA ALA A 219 -8.70 1.00 23.08
C ALA A 219 -7.57 1.96 23.45
N GLN A 220 -7.67 3.19 22.98
CA GLN A 220 -6.66 4.20 23.28
C GLN A 220 -6.94 4.87 24.61
N PRO A 221 -5.89 5.26 25.34
CA PRO A 221 -6.01 5.92 26.64
C PRO A 221 -6.97 7.11 26.62
N ASN A 222 -7.89 7.15 27.59
CA ASN A 222 -8.83 8.26 27.68
C ASN A 222 -9.64 8.48 26.40
N ARG A 223 -9.81 7.44 25.62
CA ARG A 223 -10.61 7.56 24.40
C ARG A 223 -11.51 6.34 24.29
N PRO A 224 -12.51 6.24 25.17
CA PRO A 224 -13.44 5.11 25.15
C PRO A 224 -14.32 5.08 23.92
N GLY A 225 -14.77 3.90 23.54
CA GLY A 225 -15.62 3.75 22.38
C GLY A 225 -16.93 4.49 22.50
N ILE A 226 -17.32 5.16 21.43
CA ILE A 226 -18.56 5.90 21.41
C ILE A 226 -19.63 5.14 20.60
N TYR A 227 -20.84 5.06 21.15
CA TYR A 227 -21.93 4.37 20.49
C TYR A 227 -23.16 5.28 20.39
N THR A 228 -24.06 4.97 19.46
CA THR A 228 -25.27 5.76 19.30
C THR A 228 -26.25 5.20 20.31
N ARG A 229 -26.72 6.03 21.25
CA ARG A 229 -27.68 5.55 22.27
C ARG A 229 -29.02 5.18 21.64
N VAL A 230 -29.39 3.90 21.69
CA VAL A 230 -30.63 3.45 21.08
C VAL A 230 -31.89 4.06 21.71
N THR A 231 -31.93 4.12 23.04
CA THR A 231 -33.09 4.69 23.73
C THR A 231 -33.41 6.06 23.19
N TYR A 232 -32.39 6.80 22.77
CA TYR A 232 -32.58 8.14 22.24
C TYR A 232 -33.36 8.19 20.94
N TYR A 233 -33.30 7.11 20.15
CA TYR A 233 -33.99 7.10 18.86
C TYR A 233 -35.07 6.03 18.72
N LEU A 234 -35.67 5.60 19.82
CA LEU A 234 -36.73 4.59 19.74
C LEU A 234 -37.91 5.07 18.91
N ASP A 235 -38.32 6.32 19.13
CA ASP A 235 -39.45 6.87 18.39
C ASP A 235 -39.21 6.87 16.88
N TRP A 236 -37.97 7.13 16.47
CA TRP A 236 -37.65 7.17 15.05
C TRP A 236 -37.67 5.75 14.49
N ILE A 237 -37.14 4.81 15.25
CA ILE A 237 -37.11 3.41 14.83
C ILE A 237 -38.53 2.85 14.72
N HIS A 238 -39.37 3.16 15.71
CA HIS A 238 -40.75 2.67 15.71
C HIS A 238 -41.64 3.29 14.64
N HIS A 239 -41.18 4.37 14.02
CA HIS A 239 -41.95 5.00 12.95
C HIS A 239 -41.92 4.07 11.72
N TYR A 240 -40.95 3.15 11.72
CA TYR A 240 -40.75 2.20 10.63
C TYR A 240 -40.87 0.75 11.02
N VAL A 241 -40.22 0.38 12.12
CA VAL A 241 -40.24 -1.00 12.60
C VAL A 241 -41.37 -1.25 13.56
N PRO A 242 -42.34 -2.09 13.15
CA PRO A 242 -43.51 -2.43 13.98
C PRO A 242 -43.13 -3.02 15.34
N LYS A 243 -44.05 -2.90 16.29
CA LYS A 243 -43.83 -3.38 17.66
C LYS A 243 -43.82 -4.91 17.74
N ILE B 1 -4.85 -19.50 -9.35
CA ILE B 1 -5.27 -20.18 -10.61
C ILE B 1 -6.12 -19.25 -11.47
N VAL B 2 -5.71 -19.10 -12.73
CA VAL B 2 -6.44 -18.26 -13.66
C VAL B 2 -7.32 -19.12 -14.54
N GLY B 3 -8.62 -18.78 -14.60
CA GLY B 3 -9.54 -19.56 -15.39
C GLY B 3 -10.02 -20.70 -14.50
N GLY B 4 -10.51 -21.78 -15.09
CA GLY B 4 -10.97 -22.89 -14.26
C GLY B 4 -12.00 -22.52 -13.20
N GLN B 5 -12.14 -23.38 -12.20
CA GLN B 5 -13.12 -23.15 -11.14
C GLN B 5 -12.79 -23.83 -9.82
N GLU B 6 -13.71 -23.72 -8.86
CA GLU B 6 -13.54 -24.35 -7.54
C GLU B 6 -13.54 -25.85 -7.75
N ALA B 7 -12.56 -26.55 -7.19
CA ALA B 7 -12.49 -28.00 -7.37
C ALA B 7 -13.42 -28.77 -6.42
N PRO B 8 -13.99 -29.89 -6.90
CA PRO B 8 -14.87 -30.70 -6.05
C PRO B 8 -14.01 -31.19 -4.87
N ARG B 9 -14.60 -31.40 -3.69
CA ARG B 9 -13.77 -31.84 -2.57
C ARG B 9 -13.17 -33.24 -2.69
N SER B 10 -13.63 -34.01 -3.67
CA SER B 10 -13.13 -35.37 -3.89
C SER B 10 -11.87 -35.40 -4.78
N LYS B 11 -11.53 -34.24 -5.33
CA LYS B 11 -10.38 -34.12 -6.22
C LYS B 11 -9.11 -33.56 -5.60
N TRP B 12 -7.98 -33.87 -6.23
CA TRP B 12 -6.67 -33.40 -5.80
C TRP B 12 -6.42 -33.65 -4.33
N PRO B 13 -6.54 -34.91 -3.89
CA PRO B 13 -6.33 -35.32 -2.49
C PRO B 13 -4.88 -35.14 -2.02
N TRP B 14 -4.00 -34.81 -2.95
CA TRP B 14 -2.59 -34.63 -2.63
C TRP B 14 -2.17 -33.16 -2.50
N GLN B 15 -3.09 -32.23 -2.78
CA GLN B 15 -2.80 -30.80 -2.71
C GLN B 15 -2.53 -30.39 -1.28
N VAL B 16 -1.53 -29.55 -1.08
CA VAL B 16 -1.22 -29.10 0.25
C VAL B 16 -0.91 -27.61 0.19
N SER B 17 -0.94 -26.96 1.35
CA SER B 17 -0.69 -25.55 1.47
C SER B 17 0.44 -25.35 2.46
N LEU B 18 1.38 -24.49 2.12
CA LEU B 18 2.50 -24.21 3.00
C LEU B 18 2.17 -22.93 3.76
N ARG B 19 2.47 -22.91 5.06
CA ARG B 19 2.17 -21.74 5.88
C ARG B 19 3.40 -21.20 6.60
N VAL B 20 3.50 -19.87 6.64
CA VAL B 20 4.62 -19.21 7.30
C VAL B 20 4.09 -18.46 8.53
N HIS B 21 4.79 -18.60 9.64
CA HIS B 21 4.38 -17.94 10.88
C HIS B 21 4.29 -16.44 10.68
N GLY B 22 3.23 -15.85 11.21
CA GLY B 22 3.02 -14.41 11.11
C GLY B 22 1.83 -14.06 11.99
N PRO B 23 1.08 -12.99 11.70
CA PRO B 23 -0.08 -12.65 12.53
C PRO B 23 -1.02 -13.85 12.56
N TYR B 24 -0.85 -14.72 11.58
CA TYR B 24 -1.60 -15.96 11.47
C TYR B 24 -0.83 -16.79 10.44
N TRP B 25 -1.05 -18.09 10.42
CA TRP B 25 -0.34 -18.96 9.49
C TRP B 25 -0.83 -18.77 8.05
N MET B 26 -0.22 -17.81 7.37
CA MET B 26 -0.57 -17.45 6.00
C MET B 26 0.04 -18.36 4.93
N HIS B 27 -0.77 -18.68 3.92
CA HIS B 27 -0.37 -19.53 2.79
C HIS B 27 0.54 -18.74 1.85
N PHE B 28 1.73 -19.26 1.54
CA PHE B 28 2.64 -18.56 0.63
C PHE B 28 2.95 -19.40 -0.61
N CYS B 29 2.72 -20.70 -0.53
CA CYS B 29 2.97 -21.61 -1.64
C CYS B 29 2.19 -22.92 -1.57
N GLY B 30 2.11 -23.61 -2.70
CA GLY B 30 1.44 -24.88 -2.76
C GLY B 30 2.47 -25.99 -2.60
N GLY B 31 2.02 -27.23 -2.71
CA GLY B 31 2.91 -28.37 -2.57
C GLY B 31 2.08 -29.61 -2.81
N SER B 32 2.71 -30.79 -2.77
CA SER B 32 1.95 -32.02 -2.97
C SER B 32 2.48 -33.16 -2.09
N LEU B 33 1.59 -34.03 -1.65
CA LEU B 33 2.01 -35.16 -0.83
C LEU B 33 2.41 -36.30 -1.79
N ILE B 34 3.69 -36.66 -1.79
CA ILE B 34 4.18 -37.73 -2.67
C ILE B 34 4.52 -38.98 -1.88
N HIS B 35 4.39 -38.87 -0.56
CA HIS B 35 4.69 -39.96 0.34
C HIS B 35 4.13 -39.52 1.69
N PRO B 36 3.57 -40.45 2.46
CA PRO B 36 2.97 -40.19 3.78
C PRO B 36 3.79 -39.25 4.66
N GLN B 37 5.09 -39.15 4.41
CA GLN B 37 5.93 -38.31 5.22
C GLN B 37 6.68 -37.21 4.46
N TRP B 38 6.45 -37.14 3.15
CA TRP B 38 7.13 -36.13 2.34
C TRP B 38 6.24 -35.30 1.44
N VAL B 39 6.59 -34.02 1.36
CA VAL B 39 5.89 -33.05 0.52
C VAL B 39 6.85 -32.49 -0.52
N LEU B 40 6.41 -32.49 -1.78
CA LEU B 40 7.21 -31.98 -2.90
C LEU B 40 6.73 -30.56 -3.20
N THR B 41 7.67 -29.65 -3.41
CA THR B 41 7.31 -28.27 -3.71
C THR B 41 8.42 -27.59 -4.51
N ALA B 42 8.30 -26.28 -4.73
CA ALA B 42 9.31 -25.53 -5.48
C ALA B 42 10.39 -25.02 -4.53
N ALA B 43 11.64 -25.06 -4.98
CA ALA B 43 12.75 -24.59 -4.17
C ALA B 43 12.68 -23.07 -3.89
N HIS B 44 12.15 -22.29 -4.83
CA HIS B 44 12.10 -20.87 -4.57
C HIS B 44 11.07 -20.52 -3.48
N CYS B 45 10.24 -21.50 -3.11
CA CYS B 45 9.26 -21.25 -2.06
C CYS B 45 9.95 -21.27 -0.69
N VAL B 46 11.02 -22.05 -0.57
CA VAL B 46 11.72 -22.17 0.69
C VAL B 46 13.19 -21.79 0.71
N GLY B 47 13.71 -21.39 -0.45
CA GLY B 47 15.10 -21.01 -0.52
C GLY B 47 15.31 -19.89 -1.51
N PRO B 48 16.55 -19.68 -2.00
CA PRO B 48 17.80 -20.40 -1.74
C PRO B 48 18.37 -20.22 -0.32
N ASP B 49 17.92 -19.21 0.41
CA ASP B 49 18.44 -18.99 1.75
C ASP B 49 17.80 -19.91 2.79
N VAL B 50 18.59 -20.32 3.78
CA VAL B 50 18.11 -21.20 4.83
C VAL B 50 17.04 -20.56 5.68
N LYS B 51 15.97 -21.32 5.94
CA LYS B 51 14.84 -20.82 6.72
C LYS B 51 14.79 -21.47 8.10
N ASP B 52 14.07 -20.83 9.01
CA ASP B 52 13.91 -21.38 10.34
C ASP B 52 12.67 -22.27 10.22
N LEU B 53 12.87 -23.57 10.32
CA LEU B 53 11.76 -24.51 10.21
C LEU B 53 10.60 -24.26 11.16
N ALA B 54 10.90 -23.74 12.33
CA ALA B 54 9.87 -23.46 13.32
C ALA B 54 8.80 -22.54 12.74
N ALA B 55 9.21 -21.67 11.84
CA ALA B 55 8.29 -20.71 11.22
C ALA B 55 7.52 -21.28 10.05
N LEU B 56 7.62 -22.58 9.82
CA LEU B 56 6.96 -23.20 8.70
C LEU B 56 6.06 -24.38 9.05
N ARG B 57 4.90 -24.44 8.41
CA ARG B 57 3.98 -25.54 8.65
C ARG B 57 3.25 -25.95 7.37
N VAL B 58 2.75 -27.18 7.36
CA VAL B 58 2.04 -27.72 6.22
C VAL B 58 0.58 -28.00 6.56
N GLN B 59 -0.29 -27.74 5.59
CA GLN B 59 -1.73 -27.98 5.74
C GLN B 59 -2.14 -28.95 4.63
N LEU B 60 -2.68 -30.11 5.00
CA LEU B 60 -3.11 -31.08 3.99
C LEU B 60 -4.40 -30.61 3.32
N ARG B 61 -4.89 -31.36 2.33
CA ARG B 61 -6.08 -31.00 1.59
C ARG B 61 -7.14 -30.26 2.40
N GLU B 62 -7.56 -29.12 1.87
CA GLU B 62 -8.57 -28.27 2.49
C GLU B 62 -9.43 -27.74 1.37
N GLN B 63 -10.75 -27.69 1.57
CA GLN B 63 -11.61 -27.15 0.54
C GLN B 63 -11.49 -25.63 0.56
N HIS B 64 -11.31 -25.07 1.75
CA HIS B 64 -11.17 -23.61 1.91
C HIS B 64 -10.05 -23.26 2.89
N LEU B 65 -9.08 -22.48 2.43
CA LEU B 65 -7.97 -22.11 3.29
C LEU B 65 -8.34 -21.48 4.64
N TYR B 66 -7.61 -21.87 5.68
CA TYR B 66 -7.78 -21.32 7.02
C TYR B 66 -9.04 -21.74 7.78
N TYR B 67 -10.05 -22.24 7.09
CA TYR B 67 -11.28 -22.62 7.78
C TYR B 67 -11.26 -23.90 8.62
N GLN B 68 -10.50 -24.91 8.20
CA GLN B 68 -10.43 -26.17 8.94
C GLN B 68 -8.98 -26.59 9.14
N ASP B 69 -8.15 -25.64 9.52
CA ASP B 69 -6.72 -25.88 9.70
C ASP B 69 -6.30 -26.91 10.76
N GLN B 70 -5.29 -27.69 10.40
CA GLN B 70 -4.69 -28.71 11.26
C GLN B 70 -3.21 -28.72 10.86
N LEU B 71 -2.52 -27.62 11.15
CA LEU B 71 -1.13 -27.44 10.78
C LEU B 71 -0.18 -28.55 11.24
N LEU B 72 0.68 -28.99 10.33
CA LEU B 72 1.65 -30.04 10.61
C LEU B 72 3.07 -29.49 10.59
N PRO B 73 3.83 -29.70 11.68
CA PRO B 73 5.21 -29.21 11.72
C PRO B 73 6.13 -29.97 10.76
N VAL B 74 7.26 -29.35 10.41
CA VAL B 74 8.24 -29.92 9.50
C VAL B 74 9.59 -30.16 10.19
N SER B 75 10.23 -31.29 9.88
CA SER B 75 11.53 -31.61 10.49
C SER B 75 12.71 -31.31 9.55
N ARG B 76 12.49 -31.41 8.24
CA ARG B 76 13.55 -31.13 7.28
C ARG B 76 13.07 -30.40 6.03
N ILE B 77 13.93 -29.52 5.53
CA ILE B 77 13.66 -28.78 4.30
C ILE B 77 14.84 -29.12 3.38
N ILE B 78 14.60 -29.92 2.37
CA ILE B 78 15.67 -30.28 1.45
C ILE B 78 15.47 -29.58 0.11
N VAL B 79 16.42 -28.72 -0.22
CA VAL B 79 16.38 -27.94 -1.46
C VAL B 79 17.47 -28.41 -2.41
N HIS B 80 17.09 -28.64 -3.66
CA HIS B 80 18.05 -29.11 -4.64
C HIS B 80 19.24 -28.16 -4.66
N PRO B 81 20.45 -28.70 -4.48
CA PRO B 81 21.70 -27.91 -4.46
C PRO B 81 22.04 -27.11 -5.72
N GLN B 82 21.43 -27.45 -6.86
CA GLN B 82 21.69 -26.70 -8.10
C GLN B 82 20.78 -25.47 -8.17
N PHE B 83 19.94 -25.25 -7.15
CA PHE B 83 19.03 -24.12 -7.19
C PHE B 83 19.50 -22.80 -6.63
N TYR B 84 19.17 -21.73 -7.37
CA TYR B 84 19.45 -20.38 -6.92
C TYR B 84 18.29 -19.45 -7.30
N THR B 85 17.77 -19.59 -8.53
CA THR B 85 16.61 -18.80 -8.99
C THR B 85 15.79 -19.72 -9.87
N ALA B 86 14.50 -19.42 -10.01
CA ALA B 86 13.61 -20.23 -10.83
C ALA B 86 13.96 -20.18 -12.30
N GLN B 87 14.32 -19.00 -12.81
CA GLN B 87 14.68 -18.88 -14.21
C GLN B 87 15.91 -19.75 -14.52
N ILE B 88 16.85 -19.85 -13.58
CA ILE B 88 18.02 -20.67 -13.83
C ILE B 88 17.63 -22.14 -13.87
N GLY B 89 16.83 -22.59 -12.90
CA GLY B 89 16.41 -23.97 -12.91
C GLY B 89 16.54 -24.75 -11.61
N ALA B 90 16.23 -26.04 -11.69
CA ALA B 90 16.29 -26.96 -10.55
C ALA B 90 15.41 -26.38 -9.44
N ASP B 91 14.26 -25.87 -9.84
CA ASP B 91 13.33 -25.27 -8.88
C ASP B 91 12.48 -26.38 -8.28
N ILE B 92 13.10 -27.14 -7.37
CA ILE B 92 12.41 -28.26 -6.73
C ILE B 92 12.92 -28.45 -5.29
N ALA B 93 12.04 -28.90 -4.41
CA ALA B 93 12.42 -29.10 -3.01
C ALA B 93 11.53 -30.10 -2.29
N LEU B 94 12.02 -30.56 -1.14
CA LEU B 94 11.30 -31.54 -0.34
C LEU B 94 11.12 -31.09 1.10
N LEU B 95 9.98 -31.47 1.66
CA LEU B 95 9.64 -31.17 3.04
C LEU B 95 9.33 -32.49 3.74
N GLU B 96 10.06 -32.80 4.81
CA GLU B 96 9.80 -34.03 5.53
C GLU B 96 8.95 -33.70 6.74
N LEU B 97 7.74 -34.25 6.77
CA LEU B 97 6.84 -34.00 7.86
C LEU B 97 7.40 -34.63 9.14
N GLU B 98 6.95 -34.13 10.27
CA GLU B 98 7.40 -34.63 11.56
C GLU B 98 6.79 -35.99 11.90
N GLU B 99 5.69 -36.33 11.25
CA GLU B 99 5.02 -37.60 11.46
C GLU B 99 4.40 -38.00 10.14
N PRO B 100 4.16 -39.30 9.95
CA PRO B 100 3.55 -39.71 8.68
C PRO B 100 2.08 -39.31 8.74
N VAL B 101 1.43 -39.10 7.60
CA VAL B 101 0.02 -38.75 7.63
C VAL B 101 -0.78 -40.01 7.37
N LYS B 102 -1.98 -40.08 7.96
CA LYS B 102 -2.84 -41.22 7.73
C LYS B 102 -3.52 -40.90 6.42
N VAL B 103 -3.23 -41.68 5.38
CA VAL B 103 -3.85 -41.43 4.09
C VAL B 103 -5.27 -41.95 4.04
N SER B 104 -6.06 -41.45 3.09
CA SER B 104 -7.45 -41.85 2.92
C SER B 104 -7.86 -41.44 1.51
N SER B 105 -9.13 -41.61 1.18
CA SER B 105 -9.60 -41.25 -0.15
C SER B 105 -9.68 -39.74 -0.28
N HIS B 106 -9.75 -39.06 0.87
CA HIS B 106 -9.83 -37.60 0.84
C HIS B 106 -8.43 -37.01 0.90
N VAL B 107 -7.47 -37.77 1.41
CA VAL B 107 -6.11 -37.29 1.51
C VAL B 107 -5.09 -38.41 1.31
N HIS B 108 -4.38 -38.38 0.19
CA HIS B 108 -3.35 -39.39 -0.09
C HIS B 108 -2.29 -38.86 -1.05
N THR B 109 -1.26 -39.66 -1.30
CA THR B 109 -0.15 -39.25 -2.15
C THR B 109 -0.45 -39.27 -3.65
N VAL B 110 0.26 -38.44 -4.40
CA VAL B 110 0.11 -38.38 -5.85
C VAL B 110 1.21 -39.27 -6.43
N THR B 111 0.95 -39.93 -7.54
CA THR B 111 1.94 -40.82 -8.12
C THR B 111 2.95 -40.07 -8.99
N LEU B 112 4.23 -40.41 -8.83
CA LEU B 112 5.29 -39.77 -9.61
C LEU B 112 5.40 -40.52 -10.93
N PRO B 113 5.73 -39.81 -12.02
CA PRO B 113 5.86 -40.42 -13.34
C PRO B 113 7.15 -41.20 -13.50
N PRO B 114 7.13 -42.24 -14.34
CA PRO B 114 8.34 -43.04 -14.56
C PRO B 114 9.30 -42.15 -15.33
N ALA B 115 10.60 -42.41 -15.20
CA ALA B 115 11.61 -41.59 -15.87
C ALA B 115 11.41 -41.42 -17.39
N SER B 116 10.72 -42.37 -18.01
CA SER B 116 10.49 -42.33 -19.45
C SER B 116 9.39 -41.36 -19.89
N GLU B 117 8.37 -41.20 -19.06
CA GLU B 117 7.23 -40.36 -19.35
C GLU B 117 7.62 -38.99 -19.88
N THR B 118 7.03 -38.59 -21.01
CA THR B 118 7.36 -37.28 -21.58
C THR B 118 6.21 -36.27 -21.62
N PHE B 119 4.99 -36.75 -21.43
CA PHE B 119 3.83 -35.83 -21.43
C PHE B 119 3.78 -35.01 -22.70
N PRO B 120 3.37 -35.65 -23.81
CA PRO B 120 3.26 -34.99 -25.13
C PRO B 120 2.19 -33.91 -25.13
N PRO B 121 2.12 -33.10 -26.18
CA PRO B 121 1.11 -32.04 -26.29
C PRO B 121 -0.26 -32.70 -26.35
N GLY B 122 -1.33 -31.89 -26.38
CA GLY B 122 -2.66 -32.47 -26.43
C GLY B 122 -2.86 -33.34 -25.22
N MET B 123 -1.99 -33.15 -24.24
CA MET B 123 -2.05 -33.90 -22.99
C MET B 123 -2.95 -33.21 -21.97
N PRO B 124 -4.08 -33.85 -21.64
CA PRO B 124 -5.00 -33.27 -20.67
C PRO B 124 -4.37 -33.26 -19.27
N CYS B 125 -3.86 -32.10 -18.86
CA CYS B 125 -3.26 -31.93 -17.55
C CYS B 125 -4.00 -30.85 -16.78
N TRP B 126 -3.89 -30.88 -15.45
CA TRP B 126 -4.54 -29.89 -14.61
C TRP B 126 -3.53 -29.33 -13.59
N VAL B 127 -3.76 -28.09 -13.18
CA VAL B 127 -2.91 -27.43 -12.19
C VAL B 127 -3.88 -26.89 -11.13
N THR B 128 -3.48 -26.92 -9.87
CA THR B 128 -4.36 -26.48 -8.79
C THR B 128 -3.62 -25.68 -7.74
N GLY B 129 -4.37 -24.92 -6.95
CA GLY B 129 -3.76 -24.11 -5.90
C GLY B 129 -4.70 -23.02 -5.45
N TRP B 130 -4.24 -22.24 -4.45
CA TRP B 130 -4.99 -21.13 -3.88
C TRP B 130 -4.37 -19.79 -4.28
N GLY B 131 -3.68 -19.77 -5.42
CA GLY B 131 -3.02 -18.55 -5.89
C GLY B 131 -3.95 -17.53 -6.53
N ASP B 132 -3.40 -16.40 -6.95
CA ASP B 132 -4.17 -15.34 -7.56
C ASP B 132 -4.98 -15.82 -8.76
N VAL B 133 -6.14 -15.19 -8.98
CA VAL B 133 -7.04 -15.54 -10.08
C VAL B 133 -6.70 -14.71 -11.32
N ASP B 134 -5.64 -13.93 -11.20
CA ASP B 134 -5.17 -13.07 -12.28
C ASP B 134 -4.02 -12.24 -11.73
N ASN B 135 -3.33 -11.51 -12.61
CA ASN B 135 -2.22 -10.66 -12.19
C ASN B 135 -2.65 -9.62 -11.16
N ASP B 136 -2.00 -9.64 -10.00
CA ASP B 136 -2.31 -8.70 -8.93
C ASP B 136 -3.78 -8.81 -8.51
N GLU B 137 -4.30 -10.03 -8.49
CA GLU B 137 -5.69 -10.24 -8.12
C GLU B 137 -5.81 -11.48 -7.24
N ARG B 138 -5.89 -11.27 -5.94
CA ARG B 138 -5.99 -12.34 -4.97
C ARG B 138 -7.22 -13.22 -5.05
N LEU B 139 -7.06 -14.48 -4.63
CA LEU B 139 -8.17 -15.39 -4.58
C LEU B 139 -8.96 -14.81 -3.41
N PRO B 140 -10.20 -14.39 -3.64
CA PRO B 140 -10.96 -13.82 -2.53
C PRO B 140 -11.54 -14.86 -1.57
N PRO B 141 -11.77 -14.47 -0.30
CA PRO B 141 -12.34 -15.43 0.66
C PRO B 141 -13.66 -15.94 0.09
N PRO B 142 -14.12 -17.14 0.52
CA PRO B 142 -13.50 -18.05 1.50
C PRO B 142 -12.29 -18.86 1.03
N PHE B 143 -11.60 -18.39 -0.01
CA PHE B 143 -10.39 -19.06 -0.51
C PHE B 143 -10.57 -20.52 -0.92
N PRO B 144 -11.40 -20.77 -1.95
CA PRO B 144 -11.59 -22.16 -2.37
C PRO B 144 -10.40 -22.67 -3.17
N LEU B 145 -10.14 -23.97 -3.11
CA LEU B 145 -9.06 -24.57 -3.88
C LEU B 145 -9.60 -24.55 -5.33
N LYS B 146 -8.79 -24.02 -6.26
CA LYS B 146 -9.22 -23.96 -7.65
C LYS B 146 -8.45 -24.93 -8.54
N GLN B 147 -9.05 -25.26 -9.67
CA GLN B 147 -8.44 -26.17 -10.62
C GLN B 147 -8.63 -25.64 -12.01
N VAL B 148 -7.70 -25.93 -12.89
CA VAL B 148 -7.84 -25.49 -14.27
C VAL B 148 -7.10 -26.41 -15.22
N LYS B 149 -7.74 -26.72 -16.34
CA LYS B 149 -7.17 -27.59 -17.35
C LYS B 149 -6.25 -26.76 -18.26
N VAL B 150 -4.99 -27.17 -18.36
CA VAL B 150 -4.03 -26.43 -19.18
C VAL B 150 -3.38 -27.29 -20.23
N PRO B 151 -3.21 -26.71 -21.43
CA PRO B 151 -2.59 -27.41 -22.55
C PRO B 151 -1.07 -27.44 -22.44
N ILE B 152 -0.49 -28.63 -22.59
CA ILE B 152 0.96 -28.80 -22.56
C ILE B 152 1.46 -28.40 -23.96
N MET B 153 2.59 -27.70 -24.01
CA MET B 153 3.17 -27.28 -25.29
C MET B 153 4.63 -27.75 -25.23
N GLU B 154 5.23 -28.01 -26.38
CA GLU B 154 6.61 -28.47 -26.42
C GLU B 154 7.57 -27.40 -25.90
N ASN B 155 8.62 -27.83 -25.23
CA ASN B 155 9.59 -26.89 -24.71
C ASN B 155 10.06 -25.90 -25.78
N HIS B 156 10.42 -26.40 -26.96
CA HIS B 156 10.91 -25.51 -28.01
C HIS B 156 9.88 -24.50 -28.50
N ILE B 157 8.60 -24.84 -28.39
CA ILE B 157 7.55 -23.91 -28.82
C ILE B 157 7.46 -22.76 -27.81
N CYS B 158 7.64 -23.08 -26.53
CA CYS B 158 7.59 -22.09 -25.48
C CYS B 158 8.81 -21.20 -25.44
N ASP B 159 9.97 -21.81 -25.60
CA ASP B 159 11.21 -21.04 -25.61
C ASP B 159 11.08 -19.96 -26.68
N ALA B 160 10.60 -20.36 -27.86
CA ALA B 160 10.41 -19.43 -28.97
C ALA B 160 9.45 -18.30 -28.60
N LYS B 161 8.29 -18.65 -28.04
CA LYS B 161 7.31 -17.63 -27.64
C LYS B 161 7.90 -16.62 -26.65
N TYR B 162 8.74 -17.10 -25.73
CA TYR B 162 9.31 -16.21 -24.73
C TYR B 162 10.26 -15.19 -25.36
N HIS B 163 10.81 -15.51 -26.52
CA HIS B 163 11.72 -14.59 -27.23
C HIS B 163 10.93 -13.58 -28.04
N LEU B 164 9.63 -13.80 -28.19
CA LEU B 164 8.83 -12.84 -28.95
C LEU B 164 8.62 -11.59 -28.10
N GLY B 165 9.05 -10.45 -28.64
CA GLY B 165 8.93 -9.20 -27.94
C GLY B 165 10.02 -9.08 -26.88
N ALA B 166 11.14 -9.75 -27.14
CA ALA B 166 12.26 -9.73 -26.21
C ALA B 166 13.58 -9.47 -26.91
N TYR B 167 14.52 -8.90 -26.15
CA TYR B 167 15.84 -8.58 -26.67
C TYR B 167 16.76 -9.79 -26.62
N THR B 168 16.42 -10.74 -25.76
CA THR B 168 17.23 -11.94 -25.60
C THR B 168 17.48 -12.63 -26.93
N GLY B 169 18.74 -13.01 -27.18
CA GLY B 169 19.08 -13.68 -28.42
C GLY B 169 18.32 -14.98 -28.59
N ASP B 170 17.85 -15.23 -29.80
CA ASP B 170 17.10 -16.44 -30.11
C ASP B 170 17.81 -17.73 -29.69
N ASP B 171 19.13 -17.76 -29.72
CA ASP B 171 19.86 -18.96 -29.32
C ASP B 171 20.18 -19.03 -27.84
N VAL B 172 19.77 -18.01 -27.10
CA VAL B 172 19.98 -18.01 -25.66
C VAL B 172 18.70 -18.61 -25.05
N ARG B 173 18.80 -19.85 -24.59
CA ARG B 173 17.67 -20.60 -24.04
C ARG B 173 17.01 -19.99 -22.81
N ILE B 174 15.68 -19.82 -22.88
CA ILE B 174 14.93 -19.26 -21.76
C ILE B 174 14.20 -20.39 -21.04
N VAL B 175 13.36 -21.13 -21.75
CA VAL B 175 12.64 -22.27 -21.18
C VAL B 175 13.66 -23.43 -21.24
N ARG B 176 14.23 -23.81 -20.11
CA ARG B 176 15.26 -24.85 -20.11
C ARG B 176 14.76 -26.28 -20.15
N ASP B 177 15.68 -27.22 -20.26
CA ASP B 177 15.33 -28.63 -20.37
C ASP B 177 14.71 -29.27 -19.13
N ASP B 178 15.14 -28.84 -17.94
CA ASP B 178 14.58 -29.37 -16.72
C ASP B 178 13.25 -28.67 -16.46
N MET B 179 12.72 -28.00 -17.48
CA MET B 179 11.45 -27.29 -17.35
C MET B 179 10.39 -27.84 -18.29
N LEU B 180 9.16 -27.47 -18.03
CA LEU B 180 8.01 -27.92 -18.80
C LEU B 180 7.03 -26.75 -18.82
N CYS B 181 6.28 -26.60 -19.91
CA CYS B 181 5.37 -25.48 -20.01
C CYS B 181 3.94 -25.83 -20.37
N ALA B 182 3.01 -24.99 -19.91
CA ALA B 182 1.59 -25.21 -20.17
C ALA B 182 0.79 -23.95 -19.85
N GLY B 183 -0.44 -23.90 -20.38
CA GLY B 183 -1.29 -22.76 -20.12
C GLY B 183 -1.34 -21.79 -21.28
N ASN B 184 -2.29 -20.85 -21.23
CA ASN B 184 -2.44 -19.86 -22.29
C ASN B 184 -2.99 -18.58 -21.68
N THR B 185 -3.52 -17.71 -22.51
CA THR B 185 -4.04 -16.43 -22.03
C THR B 185 -5.36 -16.53 -21.27
N ARG B 186 -5.85 -17.73 -21.05
CA ARG B 186 -7.10 -17.93 -20.32
C ARG B 186 -6.99 -18.95 -19.18
N ARG B 187 -5.97 -19.80 -19.22
CA ARG B 187 -5.77 -20.82 -18.20
C ARG B 187 -4.30 -20.85 -17.80
N ASP B 188 -4.01 -20.70 -16.52
CA ASP B 188 -2.63 -20.68 -16.06
C ASP B 188 -2.59 -20.60 -14.53
N SER B 189 -1.43 -20.91 -13.96
CA SER B 189 -1.22 -20.83 -12.52
C SER B 189 -0.72 -19.41 -12.30
N CYS B 190 -0.69 -18.95 -11.05
CA CYS B 190 -0.25 -17.58 -10.79
C CYS B 190 0.37 -17.49 -9.40
N GLN B 191 0.81 -16.30 -9.00
CA GLN B 191 1.43 -16.09 -7.68
C GLN B 191 0.57 -16.74 -6.60
N GLY B 192 1.18 -17.64 -5.83
CA GLY B 192 0.43 -18.34 -4.80
C GLY B 192 0.24 -19.81 -5.11
N ASP B 193 0.31 -20.19 -6.39
CA ASP B 193 0.17 -21.60 -6.78
C ASP B 193 1.54 -22.27 -6.81
N SER B 194 2.59 -21.45 -6.72
CA SER B 194 3.96 -21.96 -6.75
C SER B 194 4.21 -23.12 -5.81
N GLY B 195 5.00 -24.06 -6.30
CA GLY B 195 5.32 -25.25 -5.53
C GLY B 195 4.23 -26.29 -5.68
N GLY B 196 3.06 -25.83 -6.12
CA GLY B 196 1.91 -26.70 -6.32
C GLY B 196 2.10 -27.73 -7.41
N PRO B 197 1.10 -28.59 -7.64
CA PRO B 197 1.24 -29.61 -8.67
C PRO B 197 0.52 -29.44 -10.00
N LEU B 198 1.16 -29.95 -11.04
CA LEU B 198 0.63 -29.98 -12.40
C LEU B 198 0.53 -31.50 -12.65
N VAL B 199 -0.67 -32.00 -12.81
CA VAL B 199 -0.87 -33.42 -12.99
C VAL B 199 -1.58 -33.79 -14.30
N CYS B 200 -1.24 -34.96 -14.83
CA CYS B 200 -1.85 -35.44 -16.07
C CYS B 200 -2.27 -36.89 -15.93
N LYS B 201 -3.48 -37.17 -16.39
CA LYS B 201 -4.02 -38.53 -16.31
C LYS B 201 -3.48 -39.31 -17.50
N VAL B 202 -2.57 -40.25 -17.21
CA VAL B 202 -1.95 -41.06 -18.24
C VAL B 202 -2.25 -42.53 -18.05
N ASN B 203 -2.82 -43.16 -19.07
CA ASN B 203 -3.17 -44.57 -18.96
C ASN B 203 -4.07 -44.75 -17.74
N GLY B 204 -4.98 -43.80 -17.54
CA GLY B 204 -5.91 -43.87 -16.42
C GLY B 204 -5.38 -43.67 -15.02
N THR B 205 -4.20 -43.07 -14.89
CA THR B 205 -3.62 -42.82 -13.56
C THR B 205 -3.06 -41.40 -13.52
N TRP B 206 -3.21 -40.73 -12.39
CA TRP B 206 -2.69 -39.38 -12.28
C TRP B 206 -1.21 -39.37 -11.91
N LEU B 207 -0.41 -38.66 -12.71
CA LEU B 207 1.03 -38.55 -12.49
C LEU B 207 1.39 -37.08 -12.37
N GLN B 208 2.27 -36.72 -11.43
CA GLN B 208 2.66 -35.31 -11.32
C GLN B 208 3.76 -34.99 -12.32
N ALA B 209 3.40 -34.30 -13.39
CA ALA B 209 4.34 -33.94 -14.44
C ALA B 209 5.21 -32.75 -14.06
N GLY B 210 4.64 -31.83 -13.29
CA GLY B 210 5.42 -30.66 -12.91
C GLY B 210 5.11 -29.99 -11.59
N VAL B 211 5.93 -28.99 -11.29
CA VAL B 211 5.78 -28.19 -10.09
C VAL B 211 5.70 -26.73 -10.57
N VAL B 212 4.67 -26.03 -10.13
CA VAL B 212 4.46 -24.63 -10.51
C VAL B 212 5.73 -23.87 -10.18
N SER B 213 6.37 -23.30 -11.19
CA SER B 213 7.63 -22.62 -10.94
C SER B 213 7.62 -21.13 -11.19
N TRP B 214 7.43 -20.73 -12.44
CA TRP B 214 7.43 -19.30 -12.76
C TRP B 214 6.83 -18.99 -14.12
N GLY B 215 6.85 -17.71 -14.46
CA GLY B 215 6.33 -17.26 -15.73
C GLY B 215 6.44 -15.75 -15.73
N GLU B 216 6.25 -15.13 -16.89
CA GLU B 216 6.31 -13.68 -16.96
C GLU B 216 4.86 -13.29 -16.77
N GLY B 217 4.48 -12.95 -15.55
CA GLY B 217 3.09 -12.62 -15.30
C GLY B 217 2.26 -13.89 -15.37
N CYS B 218 0.95 -13.76 -15.50
CA CYS B 218 0.06 -14.91 -15.57
C CYS B 218 -0.84 -14.80 -16.77
N ALA B 219 -1.00 -15.90 -17.50
CA ALA B 219 -1.87 -15.91 -18.68
C ALA B 219 -1.64 -14.72 -19.60
N GLN B 220 -0.37 -14.35 -19.80
CA GLN B 220 -0.03 -13.25 -20.69
C GLN B 220 0.36 -13.77 -22.06
N PRO B 221 0.01 -13.04 -23.13
CA PRO B 221 0.35 -13.47 -24.50
C PRO B 221 1.83 -13.81 -24.71
N ASN B 222 2.09 -14.94 -25.35
CA ASN B 222 3.44 -15.43 -25.61
C ASN B 222 4.27 -15.66 -24.37
N ARG B 223 3.61 -15.98 -23.26
CA ARG B 223 4.33 -16.22 -22.01
C ARG B 223 3.64 -17.29 -21.19
N PRO B 224 3.58 -18.52 -21.72
CA PRO B 224 2.93 -19.61 -21.01
C PRO B 224 3.64 -19.93 -19.68
N GLY B 225 2.89 -20.51 -18.75
CA GLY B 225 3.44 -20.83 -17.45
C GLY B 225 4.55 -21.87 -17.52
N ILE B 226 5.56 -21.69 -16.69
CA ILE B 226 6.67 -22.64 -16.67
C ILE B 226 6.66 -23.48 -15.39
N TYR B 227 6.99 -24.75 -15.52
CA TYR B 227 6.98 -25.67 -14.40
C TYR B 227 8.27 -26.49 -14.36
N THR B 228 8.69 -26.90 -13.17
CA THR B 228 9.87 -27.73 -13.06
C THR B 228 9.42 -29.10 -13.59
N ARG B 229 10.24 -29.72 -14.45
CA ARG B 229 9.91 -31.03 -15.02
C ARG B 229 10.29 -32.14 -14.03
N VAL B 230 9.28 -32.73 -13.40
CA VAL B 230 9.52 -33.76 -12.40
C VAL B 230 10.35 -34.97 -12.81
N THR B 231 10.18 -35.45 -14.03
CA THR B 231 10.95 -36.61 -14.44
C THR B 231 12.44 -36.35 -14.42
N TYR B 232 12.83 -35.11 -14.62
CA TYR B 232 14.25 -34.75 -14.65
C TYR B 232 14.95 -34.87 -13.31
N TYR B 233 14.19 -34.77 -12.22
CA TYR B 233 14.77 -34.84 -10.91
C TYR B 233 14.39 -36.08 -10.08
N LEU B 234 13.82 -37.10 -10.73
CA LEU B 234 13.43 -38.33 -10.03
C LEU B 234 14.57 -38.93 -9.20
N ASP B 235 15.77 -39.03 -9.77
CA ASP B 235 16.91 -39.59 -9.05
C ASP B 235 17.18 -38.83 -7.76
N TRP B 236 17.12 -37.50 -7.83
CA TRP B 236 17.34 -36.68 -6.65
C TRP B 236 16.27 -36.95 -5.58
N ILE B 237 15.01 -36.98 -6.02
CA ILE B 237 13.89 -37.20 -5.13
C ILE B 237 14.04 -38.55 -4.42
N HIS B 238 14.23 -39.61 -5.21
CA HIS B 238 14.38 -40.95 -4.68
C HIS B 238 15.58 -41.14 -3.78
N HIS B 239 16.43 -40.11 -3.70
CA HIS B 239 17.59 -40.20 -2.85
C HIS B 239 17.13 -39.92 -1.42
N TYR B 240 15.91 -39.39 -1.28
CA TYR B 240 15.33 -39.05 0.03
C TYR B 240 14.01 -39.77 0.28
N VAL B 241 13.12 -39.74 -0.71
CA VAL B 241 11.82 -40.37 -0.56
C VAL B 241 11.86 -41.81 -1.02
N PRO B 242 11.49 -42.75 -0.13
CA PRO B 242 11.45 -44.19 -0.41
C PRO B 242 10.58 -44.50 -1.62
N LYS B 243 11.02 -45.46 -2.44
CA LYS B 243 10.28 -45.86 -3.66
C LYS B 243 9.01 -46.62 -3.31
N ILE C 1 21.62 4.39 -2.33
CA ILE C 1 22.96 4.21 -1.71
C ILE C 1 22.82 4.03 -0.19
N VAL C 2 23.50 3.02 0.35
CA VAL C 2 23.44 2.77 1.78
C VAL C 2 24.75 3.16 2.47
N GLY C 3 24.62 3.89 3.58
CA GLY C 3 25.78 4.32 4.34
C GLY C 3 26.67 5.35 3.68
N GLY C 4 26.12 6.15 2.79
CA GLY C 4 26.93 7.14 2.12
C GLY C 4 26.70 8.55 2.63
N GLN C 5 26.81 9.51 1.71
CA GLN C 5 26.62 10.91 2.03
C GLN C 5 26.32 11.61 0.72
N GLU C 6 25.79 12.83 0.79
CA GLU C 6 25.48 13.58 -0.42
C GLU C 6 26.78 13.88 -1.13
N ALA C 7 26.75 13.78 -2.45
CA ALA C 7 27.93 14.01 -3.26
C ALA C 7 28.13 15.49 -3.55
N PRO C 8 29.38 16.00 -3.42
CA PRO C 8 29.60 17.42 -3.70
C PRO C 8 29.29 17.63 -5.19
N ARG C 9 28.92 18.84 -5.57
CA ARG C 9 28.56 19.14 -6.95
C ARG C 9 29.60 18.82 -8.03
N SER C 10 30.87 18.94 -7.68
CA SER C 10 31.95 18.72 -8.62
C SER C 10 32.31 17.27 -8.90
N LYS C 11 31.76 16.34 -8.11
CA LYS C 11 32.08 14.94 -8.29
C LYS C 11 31.04 14.16 -9.10
N TRP C 12 31.50 13.09 -9.76
CA TRP C 12 30.66 12.22 -10.56
C TRP C 12 29.92 12.95 -11.71
N PRO C 13 30.65 13.63 -12.60
CA PRO C 13 30.03 14.34 -13.72
C PRO C 13 29.41 13.46 -14.80
N TRP C 14 29.58 12.15 -14.68
CA TRP C 14 29.03 11.20 -15.65
C TRP C 14 27.72 10.53 -15.22
N GLN C 15 27.43 10.58 -13.92
CA GLN C 15 26.20 9.98 -13.39
C GLN C 15 24.96 10.53 -14.10
N VAL C 16 24.09 9.63 -14.55
CA VAL C 16 22.86 10.07 -15.20
C VAL C 16 21.70 9.33 -14.54
N SER C 17 20.48 9.81 -14.80
CA SER C 17 19.27 9.21 -14.24
C SER C 17 18.33 8.85 -15.39
N LEU C 18 17.78 7.64 -15.34
CA LEU C 18 16.86 7.18 -16.38
C LEU C 18 15.42 7.41 -15.95
N ARG C 19 14.62 8.01 -16.83
CA ARG C 19 13.22 8.34 -16.54
C ARG C 19 12.21 7.61 -17.41
N VAL C 20 11.15 7.11 -16.77
CA VAL C 20 10.08 6.42 -17.47
C VAL C 20 8.84 7.30 -17.39
N HIS C 21 8.03 7.32 -18.45
CA HIS C 21 6.84 8.16 -18.48
C HIS C 21 5.64 7.67 -17.67
N GLY C 22 5.06 8.61 -16.91
CA GLY C 22 3.89 8.33 -16.10
C GLY C 22 3.32 9.66 -15.62
N PRO C 23 2.82 9.75 -14.38
CA PRO C 23 2.28 11.06 -13.95
C PRO C 23 3.39 12.12 -13.95
N TYR C 24 4.63 11.66 -13.99
CA TYR C 24 5.82 12.53 -14.07
C TYR C 24 7.01 11.65 -14.44
N TRP C 25 8.00 12.22 -15.13
CA TRP C 25 9.18 11.44 -15.54
C TRP C 25 9.95 10.93 -14.34
N MET C 26 9.53 9.76 -13.88
CA MET C 26 10.11 9.17 -12.70
C MET C 26 11.41 8.39 -12.93
N HIS C 27 12.33 8.55 -11.99
CA HIS C 27 13.62 7.87 -12.00
C HIS C 27 13.39 6.39 -11.68
N PHE C 28 13.92 5.50 -12.52
CA PHE C 28 13.78 4.09 -12.24
C PHE C 28 15.15 3.42 -12.17
N CYS C 29 16.16 4.05 -12.76
CA CYS C 29 17.51 3.50 -12.76
C CYS C 29 18.58 4.55 -13.01
N GLY C 30 19.83 4.18 -12.72
CA GLY C 30 20.95 5.06 -12.93
C GLY C 30 21.66 4.65 -14.21
N GLY C 31 22.75 5.34 -14.50
CA GLY C 31 23.54 5.05 -15.68
C GLY C 31 24.75 5.97 -15.72
N SER C 32 25.56 5.85 -16.75
CA SER C 32 26.74 6.70 -16.88
C SER C 32 27.00 7.08 -18.34
N LEU C 33 27.42 8.31 -18.53
CA LEU C 33 27.74 8.80 -19.86
C LEU C 33 29.15 8.31 -20.17
N ILE C 34 29.31 7.50 -21.21
CA ILE C 34 30.64 7.00 -21.54
C ILE C 34 31.13 7.57 -22.87
N HIS C 35 30.26 8.30 -23.54
CA HIS C 35 30.54 8.93 -24.82
C HIS C 35 29.49 10.02 -24.93
N PRO C 36 29.78 11.09 -25.68
CA PRO C 36 28.81 12.17 -25.82
C PRO C 36 27.40 11.71 -26.23
N GLN C 37 27.28 10.63 -27.02
CA GLN C 37 25.97 10.14 -27.43
C GLN C 37 25.58 8.78 -26.85
N TRP C 38 26.34 8.30 -25.87
CA TRP C 38 26.03 7.00 -25.30
C TRP C 38 25.99 6.88 -23.78
N VAL C 39 25.00 6.14 -23.32
CA VAL C 39 24.84 5.90 -21.88
C VAL C 39 24.93 4.40 -21.62
N LEU C 40 25.74 4.05 -20.63
CA LEU C 40 25.92 2.66 -20.26
C LEU C 40 25.02 2.43 -19.05
N THR C 41 24.28 1.33 -19.04
CA THR C 41 23.39 1.04 -17.93
C THR C 41 23.28 -0.47 -17.75
N ALA C 42 22.30 -0.90 -16.98
CA ALA C 42 22.10 -2.32 -16.74
C ALA C 42 20.93 -2.83 -17.58
N ALA C 43 21.16 -3.94 -18.28
CA ALA C 43 20.11 -4.52 -19.12
C ALA C 43 18.76 -4.71 -18.42
N HIS C 44 18.78 -5.19 -17.17
CA HIS C 44 17.50 -5.42 -16.50
C HIS C 44 16.70 -4.14 -16.24
N CYS C 45 17.34 -2.99 -16.40
CA CYS C 45 16.66 -1.70 -16.23
C CYS C 45 15.75 -1.44 -17.43
N VAL C 46 16.09 -2.03 -18.59
CA VAL C 46 15.32 -1.82 -19.81
C VAL C 46 14.91 -3.08 -20.54
N GLY C 47 15.28 -4.25 -20.01
CA GLY C 47 14.93 -5.48 -20.67
C GLY C 47 14.45 -6.50 -19.67
N PRO C 48 14.31 -7.78 -20.06
CA PRO C 48 14.58 -8.35 -21.39
C PRO C 48 13.55 -8.03 -22.47
N ASP C 49 12.36 -7.61 -22.09
CA ASP C 49 11.36 -7.31 -23.11
C ASP C 49 11.59 -5.94 -23.68
N VAL C 50 11.26 -5.79 -24.96
CA VAL C 50 11.46 -4.52 -25.67
C VAL C 50 10.59 -3.38 -25.14
N LYS C 51 11.20 -2.21 -24.97
CA LYS C 51 10.51 -1.03 -24.47
C LYS C 51 10.22 0.00 -25.55
N ASP C 52 9.25 0.86 -25.27
CA ASP C 52 8.87 1.92 -26.17
C ASP C 52 9.83 3.07 -25.89
N LEU C 53 10.56 3.50 -26.91
CA LEU C 53 11.51 4.59 -26.72
C LEU C 53 10.88 5.91 -26.30
N ALA C 54 9.66 6.17 -26.77
CA ALA C 54 8.94 7.40 -26.45
C ALA C 54 8.67 7.56 -24.95
N ALA C 55 8.67 6.45 -24.22
CA ALA C 55 8.41 6.50 -22.78
C ALA C 55 9.69 6.62 -21.95
N LEU C 56 10.82 6.74 -22.62
CA LEU C 56 12.10 6.81 -21.92
C LEU C 56 12.87 8.10 -22.16
N ARG C 57 13.52 8.61 -21.12
CA ARG C 57 14.31 9.83 -21.22
C ARG C 57 15.55 9.70 -20.34
N VAL C 58 16.57 10.48 -20.67
CA VAL C 58 17.81 10.49 -19.90
C VAL C 58 18.04 11.89 -19.32
N GLN C 59 18.49 11.92 -18.07
CA GLN C 59 18.75 13.16 -17.37
C GLN C 59 20.21 13.15 -16.94
N LEU C 60 20.98 14.17 -17.32
CA LEU C 60 22.38 14.23 -16.95
C LEU C 60 22.56 14.61 -15.48
N ARG C 61 23.81 14.65 -15.02
CA ARG C 61 24.06 14.95 -13.61
C ARG C 61 23.23 16.06 -12.99
N GLU C 62 22.47 15.68 -11.97
CA GLU C 62 21.60 16.60 -11.25
C GLU C 62 21.97 16.47 -9.77
N GLN C 63 22.17 17.59 -9.08
CA GLN C 63 22.51 17.55 -7.66
C GLN C 63 21.31 16.99 -6.88
N HIS C 64 20.11 17.35 -7.32
CA HIS C 64 18.88 16.88 -6.69
C HIS C 64 17.90 16.42 -7.79
N LEU C 65 17.46 15.18 -7.71
CA LEU C 65 16.55 14.65 -8.69
C LEU C 65 15.29 15.48 -8.85
N TYR C 66 14.85 15.64 -10.09
CA TYR C 66 13.62 16.33 -10.42
C TYR C 66 13.64 17.85 -10.38
N TYR C 67 14.55 18.42 -9.60
CA TYR C 67 14.56 19.87 -9.48
C TYR C 67 15.01 20.68 -10.68
N GLN C 68 16.03 20.22 -11.41
CA GLN C 68 16.49 21.00 -12.56
C GLN C 68 16.40 20.21 -13.85
N ASP C 69 15.38 19.37 -13.95
CA ASP C 69 15.22 18.52 -15.12
C ASP C 69 15.45 19.16 -16.47
N GLN C 70 16.17 18.43 -17.32
CA GLN C 70 16.51 18.81 -18.69
C GLN C 70 16.54 17.47 -19.42
N LEU C 71 15.40 16.81 -19.45
CA LEU C 71 15.26 15.49 -20.06
C LEU C 71 15.69 15.40 -21.52
N LEU C 72 16.49 14.37 -21.80
CA LEU C 72 17.00 14.12 -23.14
C LEU C 72 16.37 12.85 -23.70
N PRO C 73 15.94 12.88 -24.96
CA PRO C 73 15.33 11.68 -25.55
C PRO C 73 16.38 10.65 -25.96
N VAL C 74 15.97 9.40 -26.08
CA VAL C 74 16.85 8.31 -26.45
C VAL C 74 16.52 7.84 -27.87
N SER C 75 17.53 7.52 -28.66
CA SER C 75 17.30 7.08 -30.03
C SER C 75 17.33 5.57 -30.21
N ARG C 76 18.11 4.89 -29.37
CA ARG C 76 18.21 3.44 -29.48
C ARG C 76 18.60 2.79 -28.15
N ILE C 77 17.98 1.64 -27.88
CA ILE C 77 18.27 0.86 -26.68
C ILE C 77 18.93 -0.42 -27.17
N ILE C 78 20.13 -0.71 -26.68
CA ILE C 78 20.85 -1.90 -27.09
C ILE C 78 21.12 -2.75 -25.86
N VAL C 79 20.35 -3.83 -25.71
CA VAL C 79 20.49 -4.73 -24.58
C VAL C 79 21.30 -5.96 -25.02
N HIS C 80 22.34 -6.28 -24.27
CA HIS C 80 23.15 -7.44 -24.62
C HIS C 80 22.20 -8.59 -24.88
N PRO C 81 22.39 -9.31 -26.00
CA PRO C 81 21.55 -10.44 -26.41
C PRO C 81 21.62 -11.66 -25.49
N GLN C 82 22.68 -11.77 -24.71
CA GLN C 82 22.83 -12.93 -23.82
C GLN C 82 22.13 -12.70 -22.48
N PHE C 83 21.48 -11.55 -22.36
CA PHE C 83 20.78 -11.21 -21.13
C PHE C 83 19.35 -11.69 -21.03
N TYR C 84 18.99 -12.19 -19.85
CA TYR C 84 17.62 -12.60 -19.58
C TYR C 84 17.25 -12.19 -18.14
N THR C 85 18.15 -12.42 -17.20
CA THR C 85 17.95 -12.02 -15.80
C THR C 85 19.30 -11.64 -15.21
N ALA C 86 19.28 -10.73 -14.25
CA ALA C 86 20.52 -10.28 -13.62
C ALA C 86 21.37 -11.40 -13.01
N GLN C 87 20.73 -12.41 -12.41
CA GLN C 87 21.46 -13.51 -11.80
C GLN C 87 22.16 -14.39 -12.81
N ILE C 88 21.56 -14.51 -14.01
CA ILE C 88 22.16 -15.33 -15.06
C ILE C 88 23.38 -14.63 -15.64
N GLY C 89 23.32 -13.31 -15.83
CA GLY C 89 24.48 -12.59 -16.35
C GLY C 89 24.26 -11.60 -17.48
N ALA C 90 25.36 -11.05 -18.00
CA ALA C 90 25.30 -10.08 -19.10
C ALA C 90 24.28 -8.96 -18.86
N ASP C 91 24.29 -8.41 -17.65
CA ASP C 91 23.37 -7.36 -17.26
C ASP C 91 24.02 -6.01 -17.59
N ILE C 92 23.98 -5.68 -18.87
CA ILE C 92 24.58 -4.47 -19.39
C ILE C 92 23.79 -4.08 -20.63
N ALA C 93 23.67 -2.79 -20.86
CA ALA C 93 22.93 -2.31 -22.02
C ALA C 93 23.45 -0.92 -22.39
N LEU C 94 23.17 -0.51 -23.63
CA LEU C 94 23.61 0.78 -24.11
C LEU C 94 22.44 1.62 -24.53
N LEU C 95 22.51 2.92 -24.23
CA LEU C 95 21.47 3.85 -24.62
C LEU C 95 22.11 4.90 -25.53
N GLU C 96 21.58 5.03 -26.75
CA GLU C 96 22.10 6.02 -27.68
C GLU C 96 21.19 7.25 -27.65
N LEU C 97 21.78 8.40 -27.32
CA LEU C 97 21.02 9.65 -27.23
C LEU C 97 20.70 10.23 -28.60
N GLU C 98 19.63 11.00 -28.70
CA GLU C 98 19.23 11.60 -29.96
C GLU C 98 20.27 12.58 -30.46
N GLU C 99 20.94 13.22 -29.52
CA GLU C 99 21.95 14.21 -29.86
C GLU C 99 23.16 14.01 -28.95
N PRO C 100 24.34 14.45 -29.40
CA PRO C 100 25.53 14.32 -28.57
C PRO C 100 25.49 15.42 -27.51
N VAL C 101 25.99 15.13 -26.33
CA VAL C 101 25.99 16.10 -25.25
C VAL C 101 27.20 17.02 -25.34
N LYS C 102 27.00 18.27 -24.92
CA LYS C 102 28.08 19.28 -24.91
C LYS C 102 28.82 19.09 -23.58
N VAL C 103 29.98 18.47 -23.65
CA VAL C 103 30.80 18.20 -22.47
C VAL C 103 31.28 19.47 -21.75
N SER C 104 31.53 19.34 -20.45
CA SER C 104 32.00 20.44 -19.61
C SER C 104 32.65 19.85 -18.35
N SER C 105 32.97 20.69 -17.38
CA SER C 105 33.58 20.22 -16.14
C SER C 105 32.54 19.60 -15.23
N HIS C 106 31.32 20.12 -15.32
CA HIS C 106 30.23 19.63 -14.50
C HIS C 106 29.61 18.35 -15.07
N VAL C 107 29.58 18.24 -16.40
CA VAL C 107 29.01 17.06 -17.03
C VAL C 107 29.87 16.58 -18.20
N HIS C 108 30.52 15.42 -18.02
CA HIS C 108 31.36 14.82 -19.06
C HIS C 108 31.49 13.31 -18.84
N THR C 109 31.96 12.61 -19.87
CA THR C 109 32.10 11.15 -19.83
C THR C 109 33.04 10.55 -18.81
N VAL C 110 32.82 9.27 -18.50
CA VAL C 110 33.68 8.55 -17.58
C VAL C 110 34.53 7.64 -18.45
N THR C 111 35.74 7.35 -18.00
CA THR C 111 36.64 6.50 -18.77
C THR C 111 36.45 5.00 -18.51
N LEU C 112 36.36 4.24 -19.60
CA LEU C 112 36.22 2.79 -19.51
C LEU C 112 37.60 2.19 -19.24
N PRO C 113 37.65 1.09 -18.47
CA PRO C 113 38.96 0.50 -18.21
C PRO C 113 39.49 -0.29 -19.39
N PRO C 114 40.81 -0.49 -19.43
CA PRO C 114 41.43 -1.23 -20.53
C PRO C 114 41.17 -2.72 -20.28
N ALA C 115 41.10 -3.51 -21.36
CA ALA C 115 40.83 -4.94 -21.26
C ALA C 115 41.65 -5.75 -20.26
N SER C 116 42.79 -5.23 -19.85
CA SER C 116 43.63 -5.97 -18.91
C SER C 116 43.51 -5.48 -17.48
N GLU C 117 42.92 -4.31 -17.27
CA GLU C 117 42.76 -3.76 -15.94
C GLU C 117 42.14 -4.84 -15.05
N THR C 118 42.69 -5.01 -13.85
CA THR C 118 42.17 -6.05 -12.93
C THR C 118 42.06 -5.49 -11.54
N PHE C 119 41.00 -4.72 -11.30
CA PHE C 119 40.73 -4.10 -10.01
C PHE C 119 40.83 -5.13 -8.90
N PRO C 120 41.97 -5.20 -8.22
CA PRO C 120 42.21 -6.14 -7.14
C PRO C 120 41.42 -5.89 -5.87
N PRO C 121 41.10 -6.95 -5.12
CA PRO C 121 40.35 -6.82 -3.88
C PRO C 121 40.99 -5.87 -2.87
N GLY C 122 40.17 -4.98 -2.33
CA GLY C 122 40.65 -4.01 -1.37
C GLY C 122 40.65 -2.61 -1.95
N MET C 123 40.80 -2.52 -3.26
CA MET C 123 40.83 -1.21 -3.91
C MET C 123 39.62 -0.34 -3.60
N PRO C 124 39.87 0.85 -3.07
CA PRO C 124 38.78 1.76 -2.75
C PRO C 124 38.07 2.15 -4.04
N CYS C 125 36.77 1.89 -4.11
CA CYS C 125 36.00 2.26 -5.29
C CYS C 125 34.74 2.94 -4.78
N TRP C 126 34.09 3.69 -5.66
CA TRP C 126 32.88 4.39 -5.28
C TRP C 126 31.69 4.06 -6.17
N VAL C 127 30.52 4.02 -5.55
CA VAL C 127 29.30 3.75 -6.27
C VAL C 127 28.38 4.95 -5.97
N THR C 128 27.60 5.37 -6.97
CA THR C 128 26.75 6.53 -6.78
C THR C 128 25.35 6.37 -7.34
N GLY C 129 24.43 7.21 -6.87
CA GLY C 129 23.07 7.13 -7.37
C GLY C 129 22.06 7.70 -6.41
N TRP C 130 20.79 7.63 -6.81
CA TRP C 130 19.66 8.13 -6.04
C TRP C 130 18.77 7.02 -5.50
N GLY C 131 19.34 5.81 -5.35
CA GLY C 131 18.56 4.69 -4.86
C GLY C 131 18.29 4.74 -3.37
N ASP C 132 17.58 3.73 -2.88
CA ASP C 132 17.24 3.67 -1.45
C ASP C 132 18.45 3.79 -0.52
N VAL C 133 18.23 4.35 0.66
CA VAL C 133 19.30 4.50 1.65
C VAL C 133 19.35 3.26 2.56
N ASP C 134 18.45 2.32 2.31
CA ASP C 134 18.40 1.06 3.06
C ASP C 134 17.25 0.19 2.55
N ASN C 135 17.30 -1.11 2.88
CA ASN C 135 16.26 -2.02 2.43
C ASN C 135 14.86 -1.44 2.66
N ASP C 136 14.12 -1.25 1.58
CA ASP C 136 12.77 -0.72 1.63
C ASP C 136 12.70 0.71 2.20
N GLU C 137 13.82 1.42 2.16
CA GLU C 137 13.89 2.77 2.70
C GLU C 137 14.26 3.72 1.56
N ARG C 138 13.24 4.33 0.97
CA ARG C 138 13.42 5.25 -0.14
C ARG C 138 14.28 6.48 0.23
N LEU C 139 14.87 7.10 -0.79
CA LEU C 139 15.68 8.29 -0.59
C LEU C 139 14.70 9.45 -0.42
N PRO C 140 14.80 10.18 0.69
CA PRO C 140 13.90 11.30 0.96
C PRO C 140 14.14 12.53 0.08
N PRO C 141 13.12 13.38 -0.05
CA PRO C 141 13.28 14.60 -0.85
C PRO C 141 14.30 15.42 -0.06
N PRO C 142 15.04 16.32 -0.71
CA PRO C 142 15.02 16.66 -2.13
C PRO C 142 15.80 15.73 -3.06
N PHE C 143 15.99 14.48 -2.67
CA PHE C 143 16.68 13.50 -3.53
C PHE C 143 18.10 13.88 -3.96
N PRO C 144 19.02 13.99 -3.00
CA PRO C 144 20.40 14.34 -3.37
C PRO C 144 21.14 13.14 -3.93
N LEU C 145 22.01 13.37 -4.91
CA LEU C 145 22.80 12.26 -5.47
C LEU C 145 23.72 11.81 -4.34
N LYS C 146 23.70 10.52 -4.01
CA LYS C 146 24.55 10.02 -2.95
C LYS C 146 25.79 9.27 -3.47
N GLN C 147 26.76 9.07 -2.58
CA GLN C 147 28.01 8.40 -2.94
C GLN C 147 28.49 7.60 -1.75
N VAL C 148 29.22 6.52 -2.01
CA VAL C 148 29.76 5.74 -0.92
C VAL C 148 30.96 4.94 -1.41
N LYS C 149 32.00 4.95 -0.58
CA LYS C 149 33.22 4.21 -0.89
C LYS C 149 32.99 2.76 -0.46
N VAL C 150 33.08 1.85 -1.41
CA VAL C 150 32.90 0.43 -1.14
C VAL C 150 34.14 -0.35 -1.52
N PRO C 151 34.53 -1.31 -0.68
CA PRO C 151 35.71 -2.13 -0.96
C PRO C 151 35.38 -3.27 -1.92
N ILE C 152 36.21 -3.42 -2.95
CA ILE C 152 36.05 -4.50 -3.92
C ILE C 152 36.47 -5.81 -3.27
N MET C 153 35.86 -6.91 -3.70
CA MET C 153 36.21 -8.21 -3.14
C MET C 153 36.40 -9.26 -4.22
N GLU C 154 37.33 -10.18 -3.99
CA GLU C 154 37.61 -11.22 -4.97
C GLU C 154 36.33 -11.98 -5.35
N ASN C 155 36.16 -12.19 -6.65
CA ASN C 155 35.00 -12.90 -7.19
C ASN C 155 34.68 -14.17 -6.40
N HIS C 156 35.68 -15.02 -6.21
CA HIS C 156 35.51 -16.28 -5.49
C HIS C 156 35.04 -16.07 -4.04
N ILE C 157 35.51 -15.01 -3.38
CA ILE C 157 35.10 -14.73 -2.01
C ILE C 157 33.63 -14.34 -1.94
N CYS C 158 33.22 -13.49 -2.87
CA CYS C 158 31.84 -13.04 -2.93
C CYS C 158 30.92 -14.22 -3.16
N ASP C 159 31.29 -15.05 -4.12
CA ASP C 159 30.52 -16.24 -4.46
C ASP C 159 30.41 -17.11 -3.23
N ALA C 160 31.53 -17.28 -2.53
CA ALA C 160 31.57 -18.10 -1.34
C ALA C 160 30.60 -17.57 -0.29
N LYS C 161 30.66 -16.26 -0.04
CA LYS C 161 29.79 -15.67 0.96
C LYS C 161 28.32 -15.87 0.62
N TYR C 162 27.99 -15.79 -0.66
CA TYR C 162 26.62 -15.98 -1.06
C TYR C 162 26.11 -17.40 -0.78
N HIS C 163 27.03 -18.33 -0.54
CA HIS C 163 26.66 -19.71 -0.26
C HIS C 163 26.42 -19.94 1.24
N LEU C 164 26.93 -19.02 2.07
CA LEU C 164 26.74 -19.14 3.50
C LEU C 164 25.28 -18.86 3.83
N GLY C 165 24.64 -19.78 4.54
CA GLY C 165 23.25 -19.60 4.86
C GLY C 165 22.36 -19.89 3.68
N ALA C 166 22.87 -20.66 2.72
CA ALA C 166 22.10 -21.01 1.52
C ALA C 166 22.11 -22.51 1.24
N TYR C 167 21.14 -22.98 0.47
CA TYR C 167 21.05 -24.40 0.14
C TYR C 167 21.85 -24.72 -1.11
N THR C 168 22.20 -23.69 -1.88
CA THR C 168 22.96 -23.86 -3.10
C THR C 168 24.27 -24.60 -2.85
N GLY C 169 24.53 -25.63 -3.66
CA GLY C 169 25.76 -26.37 -3.49
C GLY C 169 26.93 -25.42 -3.63
N ASP C 170 28.01 -25.64 -2.87
CA ASP C 170 29.18 -24.77 -2.95
C ASP C 170 29.84 -24.73 -4.32
N ASP C 171 29.66 -25.79 -5.10
CA ASP C 171 30.22 -25.90 -6.43
C ASP C 171 29.36 -25.22 -7.49
N VAL C 172 28.18 -24.75 -7.10
CA VAL C 172 27.28 -24.09 -8.04
C VAL C 172 27.54 -22.60 -7.98
N ARG C 173 28.02 -22.04 -9.09
CA ARG C 173 28.34 -20.62 -9.17
C ARG C 173 27.14 -19.70 -9.01
N ILE C 174 27.26 -18.76 -8.08
CA ILE C 174 26.20 -17.78 -7.83
C ILE C 174 26.68 -16.44 -8.36
N VAL C 175 27.90 -16.06 -7.96
CA VAL C 175 28.49 -14.82 -8.44
C VAL C 175 29.32 -15.32 -9.62
N ARG C 176 28.83 -15.07 -10.82
CA ARG C 176 29.51 -15.53 -12.03
C ARG C 176 30.72 -14.71 -12.44
N ASP C 177 31.49 -15.23 -13.40
CA ASP C 177 32.71 -14.57 -13.86
C ASP C 177 32.52 -13.22 -14.57
N ASP C 178 31.34 -12.95 -15.11
CA ASP C 178 31.12 -11.68 -15.79
C ASP C 178 30.61 -10.65 -14.78
N MET C 179 30.69 -10.99 -13.50
CA MET C 179 30.24 -10.12 -12.44
C MET C 179 31.41 -9.72 -11.55
N LEU C 180 31.30 -8.56 -10.94
CA LEU C 180 32.31 -8.03 -10.05
C LEU C 180 31.52 -7.80 -8.76
N CYS C 181 32.20 -7.69 -7.63
CA CYS C 181 31.45 -7.51 -6.39
C CYS C 181 32.14 -6.64 -5.31
N ALA C 182 31.36 -5.74 -4.72
CA ALA C 182 31.89 -4.82 -3.71
C ALA C 182 30.86 -4.41 -2.65
N GLY C 183 31.34 -4.00 -1.48
CA GLY C 183 30.44 -3.58 -0.42
C GLY C 183 30.44 -4.46 0.82
N ASN C 184 29.82 -3.94 1.89
CA ASN C 184 29.73 -4.67 3.14
C ASN C 184 28.41 -4.34 3.83
N THR C 185 28.29 -4.73 5.09
CA THR C 185 27.07 -4.51 5.86
C THR C 185 26.80 -3.04 6.21
N ARG C 186 27.72 -2.16 5.83
CA ARG C 186 27.54 -0.75 6.15
C ARG C 186 27.54 0.14 4.91
N ARG C 187 28.13 -0.35 3.83
CA ARG C 187 28.21 0.41 2.58
C ARG C 187 27.75 -0.46 1.42
N ASP C 188 26.86 0.06 0.59
CA ASP C 188 26.35 -0.71 -0.53
C ASP C 188 25.40 0.11 -1.40
N SER C 189 25.16 -0.35 -2.62
CA SER C 189 24.23 0.30 -3.54
C SER C 189 22.88 -0.36 -3.25
N CYS C 190 21.79 0.24 -3.69
CA CYS C 190 20.49 -0.33 -3.38
C CYS C 190 19.45 -0.07 -4.47
N GLN C 191 18.22 -0.56 -4.28
CA GLN C 191 17.16 -0.37 -5.27
C GLN C 191 17.09 1.08 -5.73
N GLY C 192 17.25 1.28 -7.03
CA GLY C 192 17.22 2.62 -7.60
C GLY C 192 18.59 3.05 -8.07
N ASP C 193 19.63 2.33 -7.66
CA ASP C 193 20.98 2.64 -8.08
C ASP C 193 21.35 1.82 -9.31
N SER C 194 20.57 0.76 -9.56
CA SER C 194 20.77 -0.12 -10.71
C SER C 194 21.11 0.60 -12.00
N GLY C 195 22.07 0.03 -12.73
CA GLY C 195 22.50 0.64 -13.99
C GLY C 195 23.52 1.73 -13.76
N GLY C 196 23.67 2.12 -12.49
CA GLY C 196 24.61 3.17 -12.13
C GLY C 196 26.05 2.68 -12.17
N PRO C 197 27.02 3.58 -12.00
CA PRO C 197 28.44 3.20 -12.04
C PRO C 197 29.15 2.95 -10.71
N LEU C 198 30.17 2.09 -10.79
CA LEU C 198 31.06 1.76 -9.68
C LEU C 198 32.41 2.13 -10.29
N VAL C 199 33.00 3.23 -9.82
CA VAL C 199 34.26 3.68 -10.38
C VAL C 199 35.40 3.62 -9.39
N CYS C 200 36.62 3.47 -9.89
CA CYS C 200 37.79 3.42 -9.04
C CYS C 200 38.87 4.31 -9.67
N LYS C 201 39.71 4.90 -8.83
CA LYS C 201 40.76 5.78 -9.32
C LYS C 201 42.04 4.96 -9.53
N VAL C 202 42.43 4.81 -10.80
CA VAL C 202 43.63 4.04 -11.17
C VAL C 202 44.59 4.91 -11.98
N ASN C 203 45.80 5.11 -11.47
CA ASN C 203 46.79 5.95 -12.15
C ASN C 203 46.24 7.35 -12.42
N GLY C 204 45.58 7.91 -11.42
CA GLY C 204 45.03 9.25 -11.55
C GLY C 204 43.85 9.44 -12.50
N THR C 205 43.23 8.35 -12.96
CA THR C 205 42.09 8.47 -13.86
C THR C 205 40.95 7.59 -13.34
N TRP C 206 39.72 8.11 -13.34
CA TRP C 206 38.57 7.34 -12.87
C TRP C 206 38.12 6.35 -13.94
N LEU C 207 38.07 5.07 -13.58
CA LEU C 207 37.66 4.03 -14.52
C LEU C 207 36.38 3.35 -14.01
N GLN C 208 35.45 3.04 -14.91
CA GLN C 208 34.24 2.38 -14.46
C GLN C 208 34.48 0.87 -14.45
N ALA C 209 34.58 0.31 -13.25
CA ALA C 209 34.81 -1.13 -13.07
C ALA C 209 33.52 -1.94 -13.19
N GLY C 210 32.41 -1.34 -12.76
CA GLY C 210 31.15 -2.05 -12.83
C GLY C 210 29.88 -1.24 -13.02
N VAL C 211 28.79 -1.97 -13.16
CA VAL C 211 27.46 -1.41 -13.32
C VAL C 211 26.61 -2.05 -12.22
N VAL C 212 25.96 -1.24 -11.38
CA VAL C 212 25.14 -1.79 -10.31
C VAL C 212 24.15 -2.77 -10.93
N SER C 213 24.21 -4.03 -10.50
CA SER C 213 23.36 -5.06 -11.06
C SER C 213 22.32 -5.64 -10.08
N TRP C 214 22.75 -6.50 -9.16
CA TRP C 214 21.80 -7.10 -8.23
C TRP C 214 22.44 -7.42 -6.90
N GLY C 215 21.68 -8.05 -6.02
CA GLY C 215 22.19 -8.42 -4.73
C GLY C 215 21.05 -8.88 -3.86
N GLU C 216 21.33 -9.68 -2.83
CA GLU C 216 20.28 -10.13 -1.93
C GLU C 216 20.14 -9.00 -0.90
N GLY C 217 19.14 -8.15 -1.09
CA GLY C 217 18.94 -7.04 -0.20
C GLY C 217 20.01 -5.98 -0.43
N CYS C 218 20.24 -5.15 0.57
CA CYS C 218 21.24 -4.10 0.49
C CYS C 218 22.05 -4.12 1.77
N ALA C 219 23.36 -4.24 1.64
CA ALA C 219 24.24 -4.25 2.80
C ALA C 219 23.87 -5.31 3.83
N GLN C 220 23.49 -6.50 3.35
CA GLN C 220 23.13 -7.59 4.27
C GLN C 220 24.33 -8.48 4.53
N PRO C 221 24.35 -9.12 5.71
CA PRO C 221 25.44 -10.01 6.09
C PRO C 221 25.77 -11.03 5.02
N ASN C 222 27.04 -11.16 4.68
CA ASN C 222 27.44 -12.14 3.68
C ASN C 222 26.66 -11.98 2.37
N ARG C 223 26.31 -10.75 2.04
CA ARG C 223 25.58 -10.54 0.79
C ARG C 223 26.01 -9.24 0.11
N PRO C 224 27.29 -9.18 -0.29
CA PRO C 224 27.85 -8.00 -0.97
C PRO C 224 27.11 -7.70 -2.26
N GLY C 225 27.13 -6.42 -2.66
CA GLY C 225 26.46 -6.01 -3.87
C GLY C 225 27.16 -6.58 -5.08
N ILE C 226 26.38 -7.08 -6.02
CA ILE C 226 26.93 -7.66 -7.24
C ILE C 226 26.84 -6.66 -8.39
N TYR C 227 27.92 -6.53 -9.14
CA TYR C 227 27.99 -5.60 -10.28
C TYR C 227 28.42 -6.33 -11.54
N THR C 228 28.06 -5.77 -12.70
CA THR C 228 28.46 -6.34 -13.99
C THR C 228 29.89 -5.87 -14.28
N ARG C 229 30.84 -6.81 -14.40
CA ARG C 229 32.22 -6.44 -14.69
C ARG C 229 32.31 -5.83 -16.10
N VAL C 230 32.65 -4.55 -16.18
CA VAL C 230 32.74 -3.89 -17.48
C VAL C 230 33.85 -4.47 -18.39
N THR C 231 35.02 -4.75 -17.84
CA THR C 231 36.11 -5.31 -18.64
C THR C 231 35.61 -6.53 -19.42
N TYR C 232 34.75 -7.33 -18.81
CA TYR C 232 34.23 -8.51 -19.46
C TYR C 232 33.46 -8.22 -20.77
N TYR C 233 32.86 -7.04 -20.87
CA TYR C 233 32.06 -6.68 -22.03
C TYR C 233 32.56 -5.53 -22.90
N LEU C 234 33.85 -5.18 -22.81
CA LEU C 234 34.39 -4.09 -23.60
C LEU C 234 34.24 -4.28 -25.11
N ASP C 235 34.47 -5.49 -25.59
CA ASP C 235 34.37 -5.72 -27.02
C ASP C 235 32.95 -5.50 -27.54
N TRP C 236 31.97 -5.85 -26.72
CA TRP C 236 30.57 -5.69 -27.10
C TRP C 236 30.22 -4.20 -27.15
N ILE C 237 30.75 -3.44 -26.19
CA ILE C 237 30.51 -2.01 -26.12
C ILE C 237 31.12 -1.27 -27.31
N HIS C 238 32.30 -1.72 -27.73
CA HIS C 238 33.00 -1.08 -28.83
C HIS C 238 32.47 -1.47 -30.19
N HIS C 239 31.50 -2.39 -30.21
CA HIS C 239 30.89 -2.80 -31.46
C HIS C 239 29.96 -1.66 -31.83
N TYR C 240 29.63 -0.84 -30.83
CA TYR C 240 28.71 0.27 -30.99
C TYR C 240 29.30 1.64 -30.66
N VAL C 241 29.95 1.74 -29.51
CA VAL C 241 30.51 3.00 -29.06
C VAL C 241 31.93 3.29 -29.54
N PRO C 242 32.09 4.38 -30.32
CA PRO C 242 33.38 4.82 -30.87
C PRO C 242 34.45 4.92 -29.79
N LYS C 243 35.63 4.36 -30.07
CA LYS C 243 36.73 4.39 -29.11
C LYS C 243 37.44 5.75 -29.07
N ILE D 1 -3.72 21.38 -5.02
CA ILE D 1 -4.56 22.28 -5.86
C ILE D 1 -5.01 21.55 -7.12
N VAL D 2 -6.30 21.66 -7.43
CA VAL D 2 -6.84 21.00 -8.62
C VAL D 2 -7.15 22.00 -9.72
N GLY D 3 -6.64 21.71 -10.90
CA GLY D 3 -6.89 22.57 -12.04
C GLY D 3 -6.24 23.94 -12.01
N GLY D 4 -5.03 24.03 -11.50
CA GLY D 4 -4.37 25.32 -11.48
C GLY D 4 -3.09 25.19 -12.26
N GLN D 5 -2.08 25.94 -11.82
CA GLN D 5 -0.77 25.87 -12.45
C GLN D 5 0.28 26.37 -11.48
N GLU D 6 1.55 26.21 -11.86
CA GLU D 6 2.62 26.64 -10.99
C GLU D 6 2.51 28.14 -10.75
N ALA D 7 2.74 28.55 -9.51
CA ALA D 7 2.64 29.96 -9.16
C ALA D 7 3.91 30.71 -9.48
N PRO D 8 3.78 31.96 -9.97
CA PRO D 8 4.98 32.74 -10.27
C PRO D 8 5.72 32.92 -8.95
N ARG D 9 7.04 33.00 -9.00
CA ARG D 9 7.86 33.14 -7.81
C ARG D 9 7.51 34.35 -6.92
N SER D 10 7.01 35.41 -7.55
CA SER D 10 6.68 36.66 -6.84
C SER D 10 5.28 36.72 -6.24
N LYS D 11 4.53 35.64 -6.34
CA LYS D 11 3.18 35.63 -5.80
C LYS D 11 3.03 34.80 -4.55
N TRP D 12 2.04 35.15 -3.73
CA TRP D 12 1.73 34.43 -2.50
C TRP D 12 2.93 34.41 -1.57
N PRO D 13 3.51 35.58 -1.26
CA PRO D 13 4.66 35.63 -0.37
C PRO D 13 4.34 35.25 1.08
N TRP D 14 3.07 34.98 1.35
CA TRP D 14 2.62 34.59 2.70
C TRP D 14 2.42 33.08 2.85
N GLN D 15 2.44 32.35 1.74
CA GLN D 15 2.24 30.89 1.76
C GLN D 15 3.27 30.22 2.65
N VAL D 16 2.80 29.29 3.46
CA VAL D 16 3.66 28.57 4.37
C VAL D 16 3.38 27.08 4.28
N SER D 17 4.40 26.27 4.54
CA SER D 17 4.29 24.82 4.54
C SER D 17 4.57 24.31 5.97
N LEU D 18 3.68 23.46 6.49
CA LEU D 18 3.84 22.88 7.82
C LEU D 18 4.54 21.53 7.70
N ARG D 19 5.55 21.28 8.53
CA ARG D 19 6.30 20.02 8.46
C ARG D 19 6.27 19.23 9.77
N VAL D 20 6.11 17.92 9.64
CA VAL D 20 6.10 17.04 10.80
C VAL D 20 7.36 16.16 10.75
N HIS D 21 7.98 15.98 11.91
CA HIS D 21 9.18 15.16 12.02
C HIS D 21 8.86 13.74 11.58
N GLY D 22 9.80 13.14 10.86
CA GLY D 22 9.64 11.78 10.38
C GLY D 22 10.94 11.41 9.69
N PRO D 23 10.92 10.49 8.70
CA PRO D 23 12.17 10.12 8.02
C PRO D 23 12.82 11.38 7.42
N TYR D 24 11.98 12.38 7.20
CA TYR D 24 12.39 13.71 6.71
C TYR D 24 11.22 14.64 7.06
N TRP D 25 11.48 15.93 7.20
CA TRP D 25 10.41 16.86 7.55
C TRP D 25 9.39 17.01 6.42
N MET D 26 8.37 16.17 6.49
CA MET D 26 7.33 16.11 5.48
C MET D 26 6.20 17.15 5.62
N HIS D 27 5.72 17.60 4.46
CA HIS D 27 4.64 18.57 4.38
C HIS D 27 3.31 17.87 4.64
N PHE D 28 2.51 18.40 5.57
CA PHE D 28 1.20 17.78 5.85
C PHE D 28 0.05 18.77 5.70
N CYS D 29 0.36 20.06 5.80
CA CYS D 29 -0.64 21.13 5.67
C CYS D 29 0.00 22.45 5.27
N GLY D 30 -0.85 23.38 4.87
CA GLY D 30 -0.39 24.70 4.50
C GLY D 30 -0.71 25.68 5.62
N GLY D 31 -0.33 26.93 5.40
CA GLY D 31 -0.57 27.97 6.40
C GLY D 31 -0.28 29.33 5.79
N SER D 32 -0.42 30.39 6.57
CA SER D 32 -0.14 31.72 6.05
C SER D 32 0.49 32.59 7.14
N LEU D 33 1.36 33.48 6.73
CA LEU D 33 2.02 34.38 7.66
C LEU D 33 1.15 35.64 7.78
N ILE D 34 0.50 35.83 8.91
CA ILE D 34 -0.35 37.00 9.13
C ILE D 34 0.32 37.98 10.08
N HIS D 35 1.58 37.71 10.39
CA HIS D 35 2.33 38.55 11.31
C HIS D 35 3.75 37.98 11.36
N PRO D 36 4.76 38.85 11.50
CA PRO D 36 6.17 38.45 11.56
C PRO D 36 6.44 37.25 12.47
N GLN D 37 5.51 37.00 13.39
CA GLN D 37 5.70 35.91 14.33
C GLN D 37 4.51 34.95 14.47
N TRP D 38 3.55 35.03 13.55
CA TRP D 38 2.39 34.15 13.63
C TRP D 38 1.95 33.60 12.28
N VAL D 39 1.57 32.33 12.31
CA VAL D 39 1.09 31.62 11.14
C VAL D 39 -0.35 31.19 11.43
N LEU D 40 -1.24 31.41 10.46
CA LEU D 40 -2.64 31.02 10.58
C LEU D 40 -2.81 29.75 9.76
N THR D 41 -3.43 28.73 10.36
CA THR D 41 -3.67 27.47 9.68
C THR D 41 -5.02 26.91 10.13
N ALA D 42 -5.30 25.67 9.75
CA ALA D 42 -6.57 25.02 10.12
C ALA D 42 -6.37 24.22 11.39
N ALA D 43 -7.37 24.22 12.25
CA ALA D 43 -7.29 23.46 13.49
C ALA D 43 -7.11 21.95 13.29
N HIS D 44 -7.73 21.38 12.26
CA HIS D 44 -7.60 19.93 12.08
C HIS D 44 -6.20 19.51 11.62
N CYS D 45 -5.36 20.49 11.29
CA CYS D 45 -4.01 20.19 10.86
C CYS D 45 -3.16 19.87 12.09
N VAL D 46 -3.51 20.46 13.22
CA VAL D 46 -2.75 20.26 14.44
C VAL D 46 -3.54 19.73 15.64
N GLY D 47 -4.86 19.66 15.52
CA GLY D 47 -5.66 19.18 16.63
C GLY D 47 -6.66 18.13 16.20
N PRO D 48 -7.66 17.78 17.04
CA PRO D 48 -7.95 18.31 18.38
C PRO D 48 -7.01 17.84 19.50
N ASP D 49 -6.25 16.79 19.24
CA ASP D 49 -5.34 16.27 20.26
C ASP D 49 -4.05 17.06 20.34
N VAL D 50 -3.63 17.39 21.56
CA VAL D 50 -2.40 18.15 21.78
C VAL D 50 -1.21 17.45 21.13
N LYS D 51 -0.34 18.23 20.49
CA LYS D 51 0.82 17.69 19.81
C LYS D 51 2.14 18.12 20.46
N ASP D 52 3.19 17.34 20.21
CA ASP D 52 4.52 17.65 20.72
C ASP D 52 5.12 18.69 19.76
N LEU D 53 5.25 19.92 20.23
CA LEU D 53 5.77 21.01 19.41
C LEU D 53 7.09 20.69 18.68
N ALA D 54 7.97 19.97 19.37
CA ALA D 54 9.27 19.59 18.81
C ALA D 54 9.12 18.94 17.45
N ALA D 55 8.10 18.10 17.31
CA ALA D 55 7.87 17.37 16.06
C ALA D 55 7.30 18.24 14.95
N LEU D 56 7.20 19.55 15.19
CA LEU D 56 6.63 20.46 14.19
C LEU D 56 7.56 21.59 13.78
N ARG D 57 7.61 21.88 12.49
CA ARG D 57 8.43 22.98 11.99
C ARG D 57 7.64 23.70 10.92
N VAL D 58 8.01 24.95 10.65
CA VAL D 58 7.34 25.75 9.64
C VAL D 58 8.36 26.21 8.56
N GLN D 59 7.97 26.09 7.30
CA GLN D 59 8.80 26.51 6.15
C GLN D 59 8.10 27.69 5.46
N LEU D 60 8.80 28.80 5.26
CA LEU D 60 8.23 29.97 4.61
C LEU D 60 8.18 29.81 3.09
N ARG D 61 7.64 30.80 2.38
CA ARG D 61 7.51 30.71 0.92
C ARG D 61 8.68 29.98 0.28
N GLU D 62 8.34 28.99 -0.53
CA GLU D 62 9.33 28.14 -1.20
C GLU D 62 8.74 27.82 -2.57
N GLN D 63 9.52 27.96 -3.64
CA GLN D 63 8.99 27.61 -4.96
C GLN D 63 8.77 26.11 -5.04
N HIS D 64 9.75 25.34 -4.58
CA HIS D 64 9.64 23.89 -4.60
C HIS D 64 9.87 23.29 -3.22
N LEU D 65 8.92 22.50 -2.76
CA LEU D 65 9.02 21.88 -1.44
C LEU D 65 10.29 21.07 -1.26
N TYR D 66 10.85 21.15 -0.06
CA TYR D 66 12.05 20.41 0.33
C TYR D 66 13.34 20.88 -0.33
N TYR D 67 13.23 21.62 -1.43
CA TYR D 67 14.43 22.07 -2.12
C TYR D 67 15.31 23.04 -1.33
N GLN D 68 14.74 24.15 -0.89
CA GLN D 68 15.53 25.15 -0.17
C GLN D 68 15.05 25.35 1.27
N ASP D 69 14.81 24.23 1.95
CA ASP D 69 14.33 24.26 3.33
C ASP D 69 15.19 25.00 4.35
N GLN D 70 14.52 25.77 5.19
CA GLN D 70 15.12 26.53 6.26
C GLN D 70 14.02 26.48 7.31
N LEU D 71 13.84 25.28 7.88
CA LEU D 71 12.80 25.04 8.87
C LEU D 71 12.86 25.89 10.14
N LEU D 72 11.72 26.47 10.50
CA LEU D 72 11.63 27.31 11.69
C LEU D 72 10.84 26.60 12.80
N PRO D 73 11.39 26.55 14.02
CA PRO D 73 10.71 25.90 15.15
C PRO D 73 9.50 26.70 15.64
N VAL D 74 8.57 26.01 16.27
CA VAL D 74 7.33 26.64 16.77
C VAL D 74 7.28 26.64 18.28
N SER D 75 6.99 27.80 18.87
CA SER D 75 6.94 27.90 20.33
C SER D 75 5.56 27.64 20.93
N ARG D 76 4.51 27.87 20.16
CA ARG D 76 3.16 27.69 20.68
C ARG D 76 2.16 27.28 19.59
N ILE D 77 1.23 26.40 19.97
CA ILE D 77 0.19 25.93 19.04
C ILE D 77 -1.14 26.31 19.72
N ILE D 78 -1.86 27.25 19.11
CA ILE D 78 -3.14 27.66 19.67
C ILE D 78 -4.29 27.25 18.75
N VAL D 79 -5.14 26.38 19.27
CA VAL D 79 -6.27 25.87 18.50
C VAL D 79 -7.56 26.39 19.10
N HIS D 80 -8.46 26.83 18.24
CA HIS D 80 -9.74 27.37 18.70
C HIS D 80 -10.49 26.37 19.57
N PRO D 81 -10.75 26.74 20.83
CA PRO D 81 -11.45 25.88 21.79
C PRO D 81 -12.77 25.22 21.33
N GLN D 82 -13.45 25.84 20.35
CA GLN D 82 -14.69 25.28 19.84
C GLN D 82 -14.44 24.18 18.82
N PHE D 83 -13.19 23.90 18.50
CA PHE D 83 -12.90 22.91 17.47
C PHE D 83 -12.74 21.46 17.88
N TYR D 84 -13.33 20.58 17.07
CA TYR D 84 -13.19 19.16 17.30
C TYR D 84 -13.06 18.44 15.96
N THR D 85 -13.91 18.79 14.99
CA THR D 85 -13.81 18.22 13.63
C THR D 85 -14.16 19.33 12.64
N ALA D 86 -13.56 19.28 11.45
CA ALA D 86 -13.82 20.31 10.44
C ALA D 86 -15.29 20.51 10.06
N GLN D 87 -16.05 19.43 9.97
CA GLN D 87 -17.47 19.54 9.59
C GLN D 87 -18.27 20.28 10.65
N ILE D 88 -17.90 20.10 11.92
CA ILE D 88 -18.60 20.79 12.98
C ILE D 88 -18.27 22.28 12.88
N GLY D 89 -16.99 22.61 12.68
CA GLY D 89 -16.61 24.01 12.54
C GLY D 89 -15.48 24.51 13.43
N ALA D 90 -15.22 25.82 13.35
CA ALA D 90 -14.17 26.48 14.11
C ALA D 90 -12.84 25.85 13.73
N ASP D 91 -12.70 25.55 12.45
CA ASP D 91 -11.48 24.92 11.95
C ASP D 91 -10.42 25.96 11.66
N ILE D 92 -9.83 26.49 12.73
CA ILE D 92 -8.82 27.54 12.63
C ILE D 92 -7.86 27.46 13.83
N ALA D 93 -6.58 27.72 13.58
CA ALA D 93 -5.58 27.67 14.65
C ALA D 93 -4.41 28.61 14.40
N LEU D 94 -3.61 28.84 15.44
CA LEU D 94 -2.48 29.73 15.30
C LEU D 94 -1.17 29.11 15.75
N LEU D 95 -0.10 29.44 15.02
CA LEU D 95 1.22 28.94 15.37
C LEU D 95 2.12 30.13 15.65
N GLU D 96 2.67 30.19 16.86
CA GLU D 96 3.58 31.29 17.16
C GLU D 96 4.99 30.75 16.93
N LEU D 97 5.76 31.43 16.10
CA LEU D 97 7.12 31.02 15.81
C LEU D 97 8.01 31.37 17.00
N GLU D 98 9.17 30.75 17.09
CA GLU D 98 10.11 31.03 18.17
C GLU D 98 10.83 32.38 18.01
N GLU D 99 10.80 32.93 16.79
CA GLU D 99 11.41 34.21 16.50
C GLU D 99 10.71 34.89 15.34
N PRO D 100 10.78 36.23 15.28
CA PRO D 100 10.12 36.96 14.19
C PRO D 100 10.83 36.67 12.87
N VAL D 101 10.10 36.61 11.77
CA VAL D 101 10.78 36.40 10.50
C VAL D 101 11.01 37.80 9.95
N LYS D 102 12.07 37.95 9.18
CA LYS D 102 12.38 39.22 8.56
C LYS D 102 11.60 39.24 7.25
N VAL D 103 10.66 40.18 7.12
CA VAL D 103 9.85 40.24 5.92
C VAL D 103 10.56 40.89 4.74
N SER D 104 10.06 40.61 3.54
CA SER D 104 10.64 41.16 2.34
C SER D 104 9.61 41.04 1.23
N SER D 105 9.99 41.50 0.05
CA SER D 105 9.13 41.47 -1.12
C SER D 105 8.78 40.02 -1.51
N HIS D 106 9.68 39.11 -1.17
CA HIS D 106 9.47 37.70 -1.50
C HIS D 106 8.82 36.93 -0.34
N VAL D 107 8.83 37.50 0.86
CA VAL D 107 8.23 36.81 2.01
C VAL D 107 7.64 37.77 3.03
N HIS D 108 6.33 37.98 2.98
CA HIS D 108 5.69 38.84 3.95
C HIS D 108 4.29 38.38 4.37
N THR D 109 3.67 39.11 5.29
CA THR D 109 2.35 38.74 5.78
C THR D 109 1.20 39.05 4.85
N VAL D 110 0.10 38.31 5.00
CA VAL D 110 -1.10 38.54 4.21
C VAL D 110 -2.00 39.42 5.07
N THR D 111 -2.85 40.21 4.44
CA THR D 111 -3.73 41.11 5.20
C THR D 111 -5.05 40.43 5.53
N LEU D 112 -5.45 40.52 6.80
CA LEU D 112 -6.72 39.93 7.23
C LEU D 112 -7.81 40.92 6.88
N PRO D 113 -9.00 40.43 6.51
CA PRO D 113 -10.15 41.25 6.13
C PRO D 113 -10.87 41.93 7.28
N PRO D 114 -11.47 43.10 7.01
CA PRO D 114 -12.21 43.85 8.03
C PRO D 114 -13.42 43.01 8.41
N ALA D 115 -13.82 43.08 9.68
CA ALA D 115 -14.96 42.29 10.15
C ALA D 115 -16.23 42.36 9.29
N SER D 116 -16.36 43.40 8.48
CA SER D 116 -17.59 43.56 7.69
C SER D 116 -17.57 43.04 6.25
N GLU D 117 -16.54 42.28 5.87
CA GLU D 117 -16.43 41.76 4.50
C GLU D 117 -17.14 40.42 4.27
N THR D 118 -18.01 40.37 3.26
CA THR D 118 -18.75 39.14 2.96
C THR D 118 -18.23 38.37 1.76
N PHE D 119 -17.33 38.97 1.00
CA PHE D 119 -16.79 38.28 -0.17
C PHE D 119 -17.89 37.70 -1.03
N PRO D 120 -18.49 38.54 -1.85
CA PRO D 120 -19.60 38.17 -2.75
C PRO D 120 -19.23 37.19 -3.86
N PRO D 121 -20.25 36.55 -4.47
CA PRO D 121 -20.00 35.61 -5.56
C PRO D 121 -19.41 36.31 -6.80
N GLY D 122 -18.50 35.63 -7.48
CA GLY D 122 -17.88 36.20 -8.64
C GLY D 122 -16.50 36.73 -8.31
N MET D 123 -16.45 37.90 -7.70
CA MET D 123 -15.17 38.52 -7.33
C MET D 123 -14.10 37.44 -7.16
N PRO D 124 -13.07 37.50 -8.00
CA PRO D 124 -11.94 36.57 -8.01
C PRO D 124 -11.13 36.37 -6.74
N CYS D 125 -11.03 35.11 -6.33
CA CYS D 125 -10.24 34.73 -5.17
C CYS D 125 -9.36 33.60 -5.67
N TRP D 126 -8.26 33.36 -4.99
CA TRP D 126 -7.35 32.30 -5.38
C TRP D 126 -7.03 31.48 -4.15
N VAL D 127 -6.68 30.21 -4.36
CA VAL D 127 -6.31 29.30 -3.28
C VAL D 127 -5.00 28.69 -3.75
N THR D 128 -4.06 28.56 -2.82
CA THR D 128 -2.74 28.04 -3.15
C THR D 128 -2.32 26.92 -2.22
N GLY D 129 -1.33 26.16 -2.63
CA GLY D 129 -0.86 25.05 -1.82
C GLY D 129 -0.11 24.00 -2.58
N TRP D 130 0.44 23.03 -1.84
CA TRP D 130 1.22 21.91 -2.37
C TRP D 130 0.47 20.57 -2.22
N GLY D 131 -0.85 20.64 -2.18
CA GLY D 131 -1.66 19.43 -2.04
C GLY D 131 -1.89 18.70 -3.35
N ASP D 132 -2.61 17.58 -3.28
CA ASP D 132 -2.90 16.75 -4.46
C ASP D 132 -3.50 17.55 -5.60
N VAL D 133 -3.20 17.14 -6.83
CA VAL D 133 -3.71 17.78 -8.04
C VAL D 133 -5.03 17.16 -8.50
N ASP D 134 -5.54 16.24 -7.67
CA ASP D 134 -6.81 15.54 -7.92
C ASP D 134 -6.98 14.49 -6.82
N ASN D 135 -8.17 13.91 -6.74
CA ASN D 135 -8.46 12.89 -5.75
C ASN D 135 -7.48 11.70 -5.81
N ASP D 136 -6.82 11.46 -4.69
CA ASP D 136 -5.87 10.36 -4.55
C ASP D 136 -4.59 10.43 -5.38
N GLU D 137 -4.31 11.56 -6.01
CA GLU D 137 -3.06 11.67 -6.76
C GLU D 137 -2.24 12.88 -6.30
N ARG D 138 -1.08 12.60 -5.72
CA ARG D 138 -0.21 13.64 -5.18
C ARG D 138 0.45 14.58 -6.19
N LEU D 139 0.86 15.73 -5.68
CA LEU D 139 1.56 16.70 -6.50
C LEU D 139 2.88 16.00 -6.79
N PRO D 140 3.25 15.88 -8.08
CA PRO D 140 4.51 15.22 -8.46
C PRO D 140 5.76 16.05 -8.12
N PRO D 141 6.92 15.39 -7.94
CA PRO D 141 8.12 16.17 -7.64
C PRO D 141 8.35 17.01 -8.91
N PRO D 142 9.03 18.15 -8.83
CA PRO D 142 9.70 18.81 -7.71
C PRO D 142 8.77 19.56 -6.74
N PHE D 143 7.49 19.21 -6.73
CA PHE D 143 6.53 19.80 -5.81
C PHE D 143 6.47 21.32 -5.91
N PRO D 144 5.94 21.83 -7.02
CA PRO D 144 5.87 23.28 -7.16
C PRO D 144 4.62 23.84 -6.46
N LEU D 145 4.74 25.05 -5.94
CA LEU D 145 3.59 25.71 -5.31
C LEU D 145 2.57 25.98 -6.41
N LYS D 146 1.35 25.49 -6.26
CA LYS D 146 0.34 25.74 -7.28
C LYS D 146 -0.67 26.79 -6.82
N GLN D 147 -1.37 27.37 -7.78
CA GLN D 147 -2.39 28.39 -7.51
C GLN D 147 -3.57 28.10 -8.41
N VAL D 148 -4.75 28.56 -8.04
CA VAL D 148 -5.90 28.36 -8.90
C VAL D 148 -7.02 29.33 -8.54
N LYS D 149 -7.67 29.87 -9.56
CA LYS D 149 -8.78 30.79 -9.33
C LYS D 149 -10.07 30.00 -9.10
N VAL D 150 -10.72 30.26 -7.97
CA VAL D 150 -11.95 29.56 -7.64
C VAL D 150 -13.10 30.53 -7.48
N PRO D 151 -14.26 30.19 -8.06
CA PRO D 151 -15.41 31.08 -7.94
C PRO D 151 -16.07 30.90 -6.58
N ILE D 152 -16.30 32.00 -5.88
CA ILE D 152 -16.96 31.94 -4.60
C ILE D 152 -18.45 31.82 -4.84
N MET D 153 -19.14 31.13 -3.95
CA MET D 153 -20.59 30.95 -4.07
C MET D 153 -21.20 31.15 -2.69
N GLU D 154 -22.40 31.70 -2.66
CA GLU D 154 -23.07 31.96 -1.39
C GLU D 154 -23.23 30.70 -0.54
N ASN D 155 -23.10 30.86 0.76
CA ASN D 155 -23.23 29.72 1.65
C ASN D 155 -24.50 28.89 1.41
N HIS D 156 -25.66 29.54 1.32
CA HIS D 156 -26.89 28.77 1.13
C HIS D 156 -26.96 27.99 -0.17
N ILE D 157 -26.29 28.46 -1.22
CA ILE D 157 -26.32 27.73 -2.48
C ILE D 157 -25.48 26.47 -2.36
N CYS D 158 -24.37 26.55 -1.63
CA CYS D 158 -23.50 25.39 -1.44
C CYS D 158 -24.14 24.42 -0.48
N ASP D 159 -24.83 24.94 0.53
CA ASP D 159 -25.47 24.07 1.50
C ASP D 159 -26.47 23.18 0.76
N ALA D 160 -27.24 23.76 -0.13
CA ALA D 160 -28.21 22.96 -0.88
C ALA D 160 -27.49 21.90 -1.70
N LYS D 161 -26.50 22.30 -2.49
CA LYS D 161 -25.74 21.34 -3.30
C LYS D 161 -25.26 20.15 -2.45
N TYR D 162 -24.80 20.39 -1.24
CA TYR D 162 -24.32 19.31 -0.40
C TYR D 162 -25.45 18.35 -0.01
N HIS D 163 -26.70 18.82 -0.11
CA HIS D 163 -27.86 17.98 0.21
C HIS D 163 -28.34 17.16 -1.01
N LEU D 164 -27.87 17.53 -2.19
CA LEU D 164 -28.25 16.80 -3.40
C LEU D 164 -27.58 15.44 -3.33
N GLY D 165 -28.32 14.39 -3.66
CA GLY D 165 -27.77 13.05 -3.61
C GLY D 165 -27.34 12.63 -2.21
N ALA D 166 -28.02 13.13 -1.19
CA ALA D 166 -27.69 12.77 0.19
C ALA D 166 -28.95 12.59 1.03
N TYR D 167 -28.83 11.83 2.11
CA TYR D 167 -29.95 11.55 2.99
C TYR D 167 -30.20 12.64 4.02
N THR D 168 -29.19 13.44 4.28
CA THR D 168 -29.33 14.50 5.27
C THR D 168 -30.54 15.37 4.92
N GLY D 169 -31.34 15.66 5.93
CA GLY D 169 -32.52 16.48 5.72
C GLY D 169 -32.16 17.89 5.30
N ASP D 170 -32.96 18.43 4.39
CA ASP D 170 -32.76 19.77 3.86
C ASP D 170 -32.56 20.85 4.92
N ASP D 171 -33.20 20.72 6.07
CA ASP D 171 -33.06 21.74 7.11
C ASP D 171 -31.92 21.54 8.08
N VAL D 172 -31.19 20.44 7.90
CA VAL D 172 -30.05 20.15 8.75
C VAL D 172 -28.86 20.76 7.99
N ARG D 173 -28.36 21.88 8.50
CA ARG D 173 -27.27 22.61 7.86
C ARG D 173 -25.96 21.86 7.80
N ILE D 174 -25.37 21.85 6.61
CA ILE D 174 -24.08 21.20 6.37
C ILE D 174 -22.99 22.26 6.27
N VAL D 175 -23.11 23.20 5.33
CA VAL D 175 -22.14 24.28 5.20
C VAL D 175 -22.59 25.31 6.21
N ARG D 176 -21.83 25.43 7.30
CA ARG D 176 -22.20 26.35 8.38
C ARG D 176 -21.80 27.79 8.20
N ASP D 177 -22.37 28.67 9.02
CA ASP D 177 -22.12 30.11 8.93
C ASP D 177 -20.68 30.57 9.11
N ASP D 178 -19.91 29.85 9.92
CA ASP D 178 -18.51 30.19 10.14
C ASP D 178 -17.67 29.56 9.02
N MET D 179 -18.32 29.20 7.92
CA MET D 179 -17.65 28.59 6.79
C MET D 179 -17.95 29.36 5.52
N LEU D 180 -17.12 29.17 4.50
CA LEU D 180 -17.31 29.82 3.21
C LEU D 180 -16.92 28.81 2.16
N CYS D 181 -17.59 28.83 1.02
CA CYS D 181 -17.30 27.85 -0.04
C CYS D 181 -16.87 28.45 -1.38
N ALA D 182 -16.04 27.70 -2.09
CA ALA D 182 -15.54 28.12 -3.41
C ALA D 182 -15.02 26.93 -4.22
N GLY D 183 -14.99 27.09 -5.53
CA GLY D 183 -14.49 26.05 -6.40
C GLY D 183 -15.57 25.32 -7.19
N ASN D 184 -15.16 24.54 -8.18
CA ASN D 184 -16.11 23.75 -8.97
C ASN D 184 -15.44 22.44 -9.34
N THR D 185 -16.01 21.73 -10.31
CA THR D 185 -15.48 20.45 -10.73
C THR D 185 -14.14 20.53 -11.46
N ARG D 186 -13.66 21.74 -11.71
CA ARG D 186 -12.39 21.92 -12.40
C ARG D 186 -11.39 22.76 -11.62
N ARG D 187 -11.83 23.36 -10.51
CA ARG D 187 -10.96 24.20 -9.69
C ARG D 187 -11.25 23.99 -8.22
N ASP D 188 -10.25 23.54 -7.46
CA ASP D 188 -10.47 23.31 -6.05
C ASP D 188 -9.15 23.02 -5.33
N SER D 189 -9.19 23.09 -4.01
CA SER D 189 -8.03 22.77 -3.19
C SER D 189 -8.27 21.31 -2.86
N CYS D 190 -7.23 20.59 -2.46
CA CYS D 190 -7.39 19.17 -2.16
C CYS D 190 -6.50 18.77 -0.97
N GLN D 191 -6.48 17.49 -0.60
CA GLN D 191 -5.66 17.02 0.51
C GLN D 191 -4.24 17.55 0.38
N GLY D 192 -3.71 18.09 1.47
CA GLY D 192 -2.38 18.66 1.46
C GLY D 192 -2.47 20.19 1.42
N ASP D 193 -3.62 20.71 0.98
CA ASP D 193 -3.80 22.16 0.91
C ASP D 193 -4.37 22.77 2.18
N SER D 194 -4.94 21.91 3.03
CA SER D 194 -5.56 22.34 4.28
C SER D 194 -4.71 23.26 5.14
N GLY D 195 -5.35 24.28 5.69
CA GLY D 195 -4.67 25.25 6.54
C GLY D 195 -4.16 26.38 5.67
N GLY D 196 -4.09 26.12 4.37
CA GLY D 196 -3.62 27.10 3.41
C GLY D 196 -4.57 28.27 3.24
N PRO D 197 -4.16 29.29 2.49
CA PRO D 197 -5.01 30.45 2.31
C PRO D 197 -5.89 30.54 1.06
N LEU D 198 -7.00 31.23 1.25
CA LEU D 198 -7.92 31.54 0.17
C LEU D 198 -7.94 33.09 0.23
N VAL D 199 -7.30 33.72 -0.74
CA VAL D 199 -7.21 35.18 -0.78
C VAL D 199 -7.99 35.83 -1.93
N CYS D 200 -8.57 37.01 -1.67
CA CYS D 200 -9.32 37.74 -2.69
C CYS D 200 -8.79 39.17 -2.77
N LYS D 201 -8.51 39.61 -3.98
CA LYS D 201 -8.03 40.97 -4.19
C LYS D 201 -9.28 41.83 -4.16
N VAL D 202 -9.36 42.70 -3.15
CA VAL D 202 -10.51 43.57 -3.00
C VAL D 202 -10.08 45.01 -2.81
N ASN D 203 -10.41 45.84 -3.80
CA ASN D 203 -10.06 47.24 -3.73
C ASN D 203 -8.53 47.36 -3.78
N GLY D 204 -7.92 46.62 -4.71
CA GLY D 204 -6.48 46.65 -4.89
C GLY D 204 -5.59 46.02 -3.81
N THR D 205 -6.19 45.31 -2.86
CA THR D 205 -5.41 44.68 -1.79
C THR D 205 -5.85 43.24 -1.53
N TRP D 206 -4.89 42.36 -1.26
CA TRP D 206 -5.24 40.97 -1.01
C TRP D 206 -5.62 40.77 0.46
N LEU D 207 -6.75 40.11 0.68
CA LEU D 207 -7.28 39.82 2.01
C LEU D 207 -7.52 38.30 2.12
N GLN D 208 -7.17 37.69 3.25
CA GLN D 208 -7.42 36.25 3.38
C GLN D 208 -8.86 36.02 3.81
N ALA D 209 -9.68 35.62 2.85
CA ALA D 209 -11.09 35.36 3.09
C ALA D 209 -11.32 34.07 3.86
N GLY D 210 -10.45 33.09 3.68
CA GLY D 210 -10.66 31.83 4.38
C GLY D 210 -9.49 30.88 4.47
N VAL D 211 -9.73 29.77 5.18
CA VAL D 211 -8.72 28.74 5.36
C VAL D 211 -9.22 27.40 4.82
N VAL D 212 -8.42 26.77 3.97
CA VAL D 212 -8.77 25.47 3.39
C VAL D 212 -9.09 24.52 4.53
N SER D 213 -10.36 24.09 4.61
CA SER D 213 -10.81 23.23 5.69
C SER D 213 -11.19 21.81 5.27
N TRP D 214 -12.23 21.66 4.47
CA TRP D 214 -12.66 20.33 4.05
C TRP D 214 -13.54 20.30 2.80
N GLY D 215 -14.03 19.11 2.48
CA GLY D 215 -14.90 18.93 1.34
C GLY D 215 -15.12 17.45 1.12
N GLU D 216 -16.16 17.09 0.39
CA GLU D 216 -16.38 15.68 0.10
C GLU D 216 -15.56 15.45 -1.14
N GLY D 217 -14.34 14.96 -0.96
CA GLY D 217 -13.48 14.76 -2.11
C GLY D 217 -12.98 16.10 -2.63
N CYS D 218 -12.60 16.14 -3.90
CA CYS D 218 -12.09 17.36 -4.51
C CYS D 218 -12.66 17.56 -5.90
N ALA D 219 -13.13 18.76 -6.18
CA ALA D 219 -13.68 19.07 -7.49
C ALA D 219 -14.76 18.07 -7.90
N GLN D 220 -15.51 17.56 -6.92
CA GLN D 220 -16.58 16.61 -7.21
C GLN D 220 -17.87 17.38 -7.47
N PRO D 221 -18.78 16.80 -8.28
CA PRO D 221 -20.08 17.41 -8.62
C PRO D 221 -20.94 17.71 -7.39
N ASN D 222 -21.45 18.95 -7.30
CA ASN D 222 -22.29 19.37 -6.17
C ASN D 222 -21.59 19.24 -4.83
N ARG D 223 -20.26 19.46 -4.81
CA ARG D 223 -19.50 19.36 -3.59
C ARG D 223 -18.33 20.33 -3.61
N PRO D 224 -18.63 21.63 -3.65
CA PRO D 224 -17.59 22.66 -3.69
C PRO D 224 -16.76 22.65 -2.39
N GLY D 225 -15.52 23.12 -2.50
CA GLY D 225 -14.63 23.16 -1.35
C GLY D 225 -15.15 24.06 -0.26
N ILE D 226 -14.92 23.69 0.99
CA ILE D 226 -15.37 24.48 2.13
C ILE D 226 -14.16 25.03 2.88
N TYR D 227 -14.25 26.30 3.28
CA TYR D 227 -13.17 26.99 3.99
C TYR D 227 -13.66 27.63 5.28
N THR D 228 -12.78 27.75 6.27
CA THR D 228 -13.16 28.41 7.50
C THR D 228 -13.24 29.88 7.11
N ARG D 229 -14.34 30.55 7.47
CA ARG D 229 -14.53 31.98 7.16
C ARG D 229 -13.74 32.83 8.17
N VAL D 230 -12.69 33.50 7.70
CA VAL D 230 -11.84 34.30 8.59
C VAL D 230 -12.53 35.42 9.36
N THR D 231 -13.39 36.19 8.69
CA THR D 231 -14.06 37.29 9.37
C THR D 231 -14.78 36.84 10.62
N TYR D 232 -15.23 35.60 10.62
CA TYR D 232 -15.95 35.04 11.76
C TYR D 232 -15.10 34.90 13.02
N TYR D 233 -13.80 34.67 12.83
CA TYR D 233 -12.90 34.46 13.95
C TYR D 233 -11.86 35.56 14.16
N LEU D 234 -12.16 36.76 13.67
CA LEU D 234 -11.24 37.88 13.79
C LEU D 234 -10.94 38.22 15.26
N ASP D 235 -11.97 38.31 16.09
CA ASP D 235 -11.76 38.66 17.49
C ASP D 235 -10.85 37.65 18.19
N TRP D 236 -11.07 36.37 17.89
CA TRP D 236 -10.29 35.30 18.49
C TRP D 236 -8.82 35.45 18.10
N ILE D 237 -8.57 35.69 16.83
CA ILE D 237 -7.21 35.86 16.32
C ILE D 237 -6.54 37.02 17.04
N HIS D 238 -7.20 38.17 17.05
CA HIS D 238 -6.67 39.38 17.68
C HIS D 238 -6.50 39.23 19.19
N HIS D 239 -6.92 38.09 19.71
CA HIS D 239 -6.76 37.85 21.12
C HIS D 239 -5.29 37.42 21.31
N TYR D 240 -4.64 37.05 20.21
CA TYR D 240 -3.24 36.59 20.23
C TYR D 240 -2.33 37.37 19.30
N VAL D 241 -2.83 37.74 18.13
CA VAL D 241 -2.01 38.45 17.18
C VAL D 241 -2.25 39.96 17.23
N PRO D 242 -1.17 40.74 17.36
CA PRO D 242 -1.17 42.21 17.42
C PRO D 242 -1.59 42.87 16.11
N LYS D 243 -1.27 44.16 15.97
CA LYS D 243 -1.59 44.96 14.79
C LYS D 243 -0.37 45.76 14.29
#